data_4XIA
#
_entry.id   4XIA
#
_cell.length_a   105.800
_cell.length_b   105.800
_cell.length_c   153.400
_cell.angle_alpha   90.00
_cell.angle_beta   90.00
_cell.angle_gamma   120.00
#
_symmetry.space_group_name_H-M   'P 31 2 1'
#
loop_
_entity.id
_entity.type
_entity.pdbx_description
1 polymer 'D-XYLOSE ISOMERASE'
2 non-polymer sorbitol
3 non-polymer 'MAGNESIUM ION'
4 water water
#
_entity_poly.entity_id   1
_entity_poly.type   'polypeptide(L)'
_entity_poly.pdbx_seq_one_letter_code
;VQPTPADHFTFGLWTVGWTGADPFGVATRANLDPVEAVHKLAELGAYGITFHDNDLIPFDATAAEREKILGDFNQALADT
GLKVPMVTTNLFSHPVFKDGGFTSNDRSIRRFALAKVLHNIDLAAEMGAETFVMWGGREGSEYDGSKDLAAALDRMREGV
DTAAGYIKDKGYNLRIALEPKPNEPRGDIFLPTVGHGLAFIEQLEHGDIVGLNPETGHEQMAGLNFTHGIAQALWAEKLF
HIDLNGQRGIKYDQDLVFGHGDLTSAFFTVDLLENGFPNGGPKYTGPRHFDYKPSRTDGYDGVWDSAKANMSMYLLLKER
ALAFRADPEVQEAMKTSGVFELGETTLNAGESAADLMNDSASFAGFDAEAAAERNFAFIRLNQLAIEHLLGSR
;
_entity_poly.pdbx_strand_id   A,B
#
loop_
_chem_comp.id
_chem_comp.type
_chem_comp.name
_chem_comp.formula
MG non-polymer 'MAGNESIUM ION' 'Mg 2'
SOR D-saccharide sorbitol 'C6 H14 O6'
#
# COMPACT_ATOMS: atom_id res chain seq x y z
N VAL A 1 17.93 17.37 -9.34
CA VAL A 1 18.50 16.55 -8.26
C VAL A 1 19.61 15.63 -8.79
N GLN A 2 20.76 15.81 -8.17
CA GLN A 2 21.98 15.03 -8.51
C GLN A 2 22.67 14.57 -7.24
N PRO A 3 22.77 13.25 -7.17
CA PRO A 3 23.35 12.65 -5.98
C PRO A 3 24.82 12.91 -6.04
N THR A 4 25.39 13.19 -4.92
CA THR A 4 26.84 13.38 -4.77
C THR A 4 27.17 12.35 -3.72
N PRO A 5 28.46 11.96 -3.58
CA PRO A 5 28.98 11.01 -2.59
C PRO A 5 28.74 11.35 -1.15
N ALA A 6 28.42 12.56 -0.77
CA ALA A 6 28.00 13.25 0.38
C ALA A 6 26.59 12.84 0.83
N ASP A 7 25.79 12.33 -0.07
CA ASP A 7 24.47 11.78 0.13
C ASP A 7 24.61 10.42 0.78
N HIS A 8 25.66 9.65 0.62
CA HIS A 8 25.87 8.36 1.20
C HIS A 8 24.95 7.23 0.70
N PHE A 9 24.70 7.23 -0.58
CA PHE A 9 23.89 6.23 -1.27
C PHE A 9 24.84 5.08 -1.52
N THR A 10 24.47 3.91 -1.04
CA THR A 10 25.25 2.69 -1.18
C THR A 10 24.39 1.69 -1.91
N PHE A 11 24.93 0.71 -2.62
CA PHE A 11 24.23 -0.31 -3.39
C PHE A 11 24.89 -1.66 -3.20
N GLY A 12 24.12 -2.71 -3.21
CA GLY A 12 24.82 -4.03 -3.09
C GLY A 12 25.16 -4.42 -4.53
N LEU A 13 26.18 -5.25 -4.67
CA LEU A 13 26.62 -5.84 -5.96
C LEU A 13 25.57 -6.72 -6.53
N TRP A 14 24.85 -7.45 -5.64
CA TRP A 14 23.68 -8.29 -5.96
C TRP A 14 22.43 -7.51 -6.44
N THR A 15 22.31 -6.21 -6.21
CA THR A 15 21.11 -5.46 -6.66
C THR A 15 21.18 -5.20 -8.13
N VAL A 16 22.10 -4.34 -8.62
CA VAL A 16 22.30 -4.16 -10.08
C VAL A 16 22.82 -5.44 -10.72
N GLY A 17 23.53 -6.35 -10.00
CA GLY A 17 23.92 -7.64 -10.52
C GLY A 17 22.81 -8.70 -10.62
N TRP A 18 21.63 -8.54 -10.05
CA TRP A 18 20.54 -9.49 -10.10
C TRP A 18 20.19 -9.67 -11.59
N THR A 19 20.36 -10.87 -11.98
CA THR A 19 20.26 -11.45 -13.33
C THR A 19 18.89 -11.78 -13.73
N GLY A 20 17.89 -11.87 -12.85
CA GLY A 20 16.55 -12.12 -13.30
C GLY A 20 15.87 -13.44 -13.13
N ALA A 21 16.52 -14.38 -12.50
CA ALA A 21 15.84 -15.69 -12.30
C ALA A 21 14.91 -15.49 -11.09
N ASP A 22 13.76 -16.12 -11.21
CA ASP A 22 12.78 -16.01 -10.07
C ASP A 22 12.27 -17.42 -9.99
N PRO A 23 11.22 -17.69 -9.22
CA PRO A 23 10.63 -19.03 -9.11
C PRO A 23 10.09 -19.62 -10.39
N PHE A 24 9.66 -18.89 -11.45
CA PHE A 24 9.10 -19.44 -12.66
C PHE A 24 9.87 -19.18 -13.91
N GLY A 25 11.09 -18.67 -13.81
CA GLY A 25 11.91 -18.35 -15.02
C GLY A 25 13.39 -18.17 -14.71
N VAL A 26 14.16 -18.27 -15.81
CA VAL A 26 15.65 -18.13 -15.76
C VAL A 26 16.04 -16.67 -15.97
N ALA A 27 17.32 -16.42 -15.80
CA ALA A 27 17.96 -15.13 -15.88
C ALA A 27 17.63 -14.45 -17.19
N THR A 28 17.41 -13.18 -17.27
CA THR A 28 17.13 -12.49 -18.53
C THR A 28 18.28 -11.60 -18.97
N ARG A 29 19.29 -11.49 -18.12
CA ARG A 29 20.47 -10.68 -18.24
C ARG A 29 21.75 -11.47 -18.01
N ALA A 30 22.82 -11.08 -18.68
CA ALA A 30 24.14 -11.75 -18.54
C ALA A 30 24.73 -11.35 -17.20
N ASN A 31 25.65 -12.09 -16.60
CA ASN A 31 26.22 -11.68 -15.35
C ASN A 31 26.94 -10.34 -15.47
N LEU A 32 26.96 -9.64 -14.34
CA LEU A 32 27.65 -8.33 -14.30
C LEU A 32 29.10 -8.46 -13.77
N ASP A 33 30.08 -7.94 -14.46
CA ASP A 33 31.46 -7.98 -13.96
C ASP A 33 31.47 -7.01 -12.80
N PRO A 34 32.04 -7.43 -11.69
CA PRO A 34 32.18 -6.57 -10.48
C PRO A 34 32.94 -5.29 -10.69
N VAL A 35 33.97 -5.26 -11.54
CA VAL A 35 34.78 -4.10 -11.87
C VAL A 35 33.88 -3.07 -12.59
N GLU A 36 33.07 -3.54 -13.51
CA GLU A 36 32.13 -2.69 -14.20
C GLU A 36 31.10 -2.05 -13.27
N ALA A 37 30.50 -2.80 -12.35
CA ALA A 37 29.52 -2.39 -11.37
C ALA A 37 30.05 -1.21 -10.58
N VAL A 38 31.25 -1.38 -10.05
CA VAL A 38 31.99 -0.37 -9.31
C VAL A 38 32.19 0.92 -10.12
N HIS A 39 32.62 0.87 -11.37
CA HIS A 39 32.85 2.04 -12.21
C HIS A 39 31.51 2.68 -12.49
N LYS A 40 30.58 1.90 -12.94
CA LYS A 40 29.25 2.38 -13.26
C LYS A 40 28.57 3.12 -12.14
N LEU A 41 28.55 2.56 -10.93
CA LEU A 41 27.95 3.14 -9.73
C LEU A 41 28.65 4.42 -9.32
N ALA A 42 29.98 4.44 -9.43
CA ALA A 42 30.78 5.67 -9.14
C ALA A 42 30.36 6.70 -10.16
N GLU A 43 30.18 6.45 -11.46
CA GLU A 43 29.72 7.43 -12.42
C GLU A 43 28.32 7.89 -12.06
N LEU A 44 27.38 7.16 -11.46
CA LEU A 44 26.05 7.68 -11.12
C LEU A 44 26.03 8.49 -9.87
N GLY A 45 27.02 8.49 -9.06
CA GLY A 45 27.11 9.23 -7.80
C GLY A 45 27.05 8.42 -6.53
N ALA A 46 27.17 7.10 -6.66
CA ALA A 46 27.16 6.29 -5.43
C ALA A 46 28.33 6.72 -4.55
N TYR A 47 28.23 6.41 -3.28
CA TYR A 47 29.23 6.66 -2.29
C TYR A 47 29.95 5.34 -2.03
N GLY A 48 29.16 4.25 -2.03
CA GLY A 48 29.76 2.95 -1.71
C GLY A 48 29.00 1.78 -2.32
N ILE A 49 29.68 0.65 -2.17
CA ILE A 49 29.21 -0.65 -2.65
C ILE A 49 29.24 -1.64 -1.51
N THR A 50 28.39 -2.67 -1.51
CA THR A 50 28.36 -3.66 -0.44
C THR A 50 28.28 -5.00 -1.14
N PHE A 51 28.61 -6.11 -0.49
CA PHE A 51 28.49 -7.40 -1.19
C PHE A 51 28.33 -8.52 -0.15
N HIS A 52 27.91 -9.68 -0.63
CA HIS A 52 27.87 -10.92 0.12
C HIS A 52 29.22 -11.61 -0.21
N ASP A 53 29.92 -12.30 0.66
CA ASP A 53 31.16 -13.00 0.23
C ASP A 53 31.05 -13.69 -1.11
N ASN A 54 30.05 -14.53 -1.45
CA ASN A 54 29.87 -15.24 -2.69
C ASN A 54 29.33 -14.43 -3.86
N ASP A 55 29.05 -13.14 -3.68
CA ASP A 55 28.65 -12.26 -4.77
C ASP A 55 29.96 -12.04 -5.60
N LEU A 56 31.05 -11.86 -4.90
CA LEU A 56 32.39 -11.66 -5.37
C LEU A 56 33.22 -12.90 -5.52
N ILE A 57 33.41 -13.65 -4.47
CA ILE A 57 34.23 -14.88 -4.51
C ILE A 57 33.36 -16.12 -4.58
N PRO A 58 33.44 -16.81 -5.71
CA PRO A 58 32.61 -18.03 -5.88
C PRO A 58 32.81 -18.95 -4.73
N PHE A 59 31.83 -19.77 -4.40
CA PHE A 59 31.84 -20.71 -3.27
C PHE A 59 33.01 -21.68 -3.33
N ASP A 60 33.21 -22.21 -4.51
CA ASP A 60 34.28 -23.13 -4.86
C ASP A 60 35.57 -22.50 -5.41
N ALA A 61 35.85 -21.25 -5.26
CA ALA A 61 37.00 -20.53 -5.72
C ALA A 61 38.30 -21.08 -5.14
N THR A 62 39.30 -21.31 -5.98
CA THR A 62 40.64 -21.73 -5.41
C THR A 62 41.26 -20.49 -4.83
N ALA A 63 42.33 -20.55 -4.11
CA ALA A 63 43.07 -19.48 -3.48
C ALA A 63 43.55 -18.43 -4.49
N ALA A 64 44.09 -18.86 -5.60
CA ALA A 64 44.62 -18.12 -6.74
C ALA A 64 43.40 -17.36 -7.29
N GLU A 65 42.32 -18.01 -7.55
CA GLU A 65 41.10 -17.28 -8.00
C GLU A 65 40.71 -16.19 -7.05
N ARG A 66 40.60 -16.41 -5.74
CA ARG A 66 40.21 -15.42 -4.74
C ARG A 66 41.09 -14.20 -4.75
N GLU A 67 42.40 -14.43 -4.80
CA GLU A 67 43.40 -13.34 -4.82
C GLU A 67 43.23 -12.43 -6.06
N LYS A 68 42.97 -13.01 -7.22
CA LYS A 68 42.76 -12.36 -8.51
C LYS A 68 41.58 -11.43 -8.44
N ILE A 69 40.44 -12.06 -8.07
CA ILE A 69 39.16 -11.33 -7.89
C ILE A 69 39.35 -10.19 -6.93
N LEU A 70 39.95 -10.37 -5.77
CA LEU A 70 40.20 -9.32 -4.77
C LEU A 70 41.11 -8.24 -5.31
N GLY A 71 42.14 -8.53 -6.10
CA GLY A 71 43.05 -7.59 -6.72
C GLY A 71 42.27 -6.74 -7.73
N ASP A 72 41.45 -7.40 -8.52
CA ASP A 72 40.60 -6.68 -9.50
C ASP A 72 39.63 -5.74 -8.78
N PHE A 73 38.95 -6.21 -7.73
CA PHE A 73 37.95 -5.38 -7.04
C PHE A 73 38.63 -4.28 -6.27
N ASN A 74 39.73 -4.52 -5.56
CA ASN A 74 40.45 -3.45 -4.86
C ASN A 74 41.02 -2.41 -5.80
N GLN A 75 41.44 -2.77 -7.01
CA GLN A 75 41.93 -1.87 -8.07
C GLN A 75 40.77 -0.91 -8.42
N ALA A 76 39.61 -1.49 -8.73
CA ALA A 76 38.39 -0.75 -9.06
C ALA A 76 38.02 0.26 -7.99
N LEU A 77 38.07 -0.11 -6.71
CA LEU A 77 37.79 0.71 -5.58
C LEU A 77 38.81 1.85 -5.55
N ALA A 78 40.10 1.50 -5.75
CA ALA A 78 41.15 2.56 -5.75
C ALA A 78 40.91 3.52 -6.89
N ASP A 79 40.66 3.01 -8.10
CA ASP A 79 40.41 3.91 -9.22
C ASP A 79 39.23 4.85 -9.04
N THR A 80 38.12 4.43 -8.44
CA THR A 80 36.92 5.23 -8.35
C THR A 80 36.65 5.96 -7.07
N GLY A 81 37.24 5.54 -5.99
CA GLY A 81 37.02 6.14 -4.69
C GLY A 81 35.85 5.54 -3.91
N LEU A 82 35.18 4.50 -4.41
CA LEU A 82 34.07 3.95 -3.64
C LEU A 82 34.57 3.29 -2.34
N LYS A 83 33.72 3.45 -1.36
CA LYS A 83 33.89 2.86 -0.03
C LYS A 83 33.09 1.56 -0.09
N VAL A 84 33.30 0.69 0.85
CA VAL A 84 32.70 -0.59 1.17
C VAL A 84 32.30 -0.51 2.67
N PRO A 85 31.11 0.11 2.91
CA PRO A 85 30.63 0.30 4.28
C PRO A 85 30.03 -0.88 4.98
N MET A 86 29.56 -1.86 4.20
CA MET A 86 28.92 -3.07 4.72
C MET A 86 29.30 -4.25 3.84
N VAL A 87 29.45 -5.39 4.50
CA VAL A 87 29.79 -6.72 3.98
C VAL A 87 28.85 -7.70 4.76
N THR A 88 28.34 -8.67 4.05
CA THR A 88 27.42 -9.68 4.59
C THR A 88 27.84 -11.03 4.05
N THR A 89 27.31 -12.13 4.54
CA THR A 89 27.64 -13.47 4.20
C THR A 89 26.45 -14.17 3.55
N ASN A 90 26.69 -15.01 2.59
CA ASN A 90 25.59 -15.74 1.97
C ASN A 90 25.41 -17.07 2.73
N LEU A 91 24.36 -17.20 3.52
CA LEU A 91 24.02 -18.41 4.24
C LEU A 91 22.66 -18.89 3.71
N PHE A 92 22.39 -18.75 2.44
CA PHE A 92 21.10 -19.18 1.91
C PHE A 92 21.11 -19.81 0.54
N SER A 93 22.08 -19.56 -0.38
CA SER A 93 21.97 -20.18 -1.70
C SER A 93 22.46 -21.60 -1.89
N HIS A 94 23.56 -21.97 -1.29
CA HIS A 94 24.03 -23.35 -1.44
C HIS A 94 23.05 -24.31 -0.85
N PRO A 95 22.80 -25.48 -1.44
CA PRO A 95 21.94 -26.56 -0.92
C PRO A 95 22.25 -26.95 0.48
N VAL A 96 23.46 -26.91 1.06
CA VAL A 96 23.84 -27.18 2.43
C VAL A 96 23.06 -26.36 3.49
N PHE A 97 22.70 -25.13 3.15
CA PHE A 97 21.92 -24.20 3.93
C PHE A 97 20.42 -24.35 3.74
N LYS A 98 19.86 -25.45 3.26
CA LYS A 98 18.44 -25.67 3.09
C LYS A 98 17.63 -25.58 4.39
N ASP A 99 18.19 -25.80 5.58
CA ASP A 99 17.48 -25.69 6.83
C ASP A 99 18.06 -24.59 7.65
N GLY A 100 18.90 -23.75 7.04
CA GLY A 100 19.50 -22.63 7.83
C GLY A 100 21.02 -22.86 7.86
N GLY A 101 21.59 -21.85 8.44
CA GLY A 101 23.06 -21.80 8.66
C GLY A 101 23.16 -21.99 10.20
N PHE A 102 23.03 -20.88 10.91
CA PHE A 102 23.08 -20.88 12.35
C PHE A 102 22.02 -21.77 13.02
N THR A 103 20.83 -21.98 12.49
CA THR A 103 19.83 -22.74 13.18
C THR A 103 19.41 -23.96 12.39
N SER A 104 20.30 -24.44 11.56
CA SER A 104 20.10 -25.69 10.82
C SER A 104 19.98 -26.71 11.97
N ASN A 105 19.22 -27.76 11.82
CA ASN A 105 19.04 -28.86 12.77
C ASN A 105 20.33 -29.73 12.75
N ASP A 106 21.05 -29.78 11.65
CA ASP A 106 22.32 -30.48 11.55
C ASP A 106 23.38 -29.58 12.17
N ARG A 107 24.09 -30.13 13.16
CA ARG A 107 25.16 -29.47 13.89
C ARG A 107 26.44 -29.22 13.09
N SER A 108 26.77 -30.13 12.20
CA SER A 108 28.02 -29.98 11.39
C SER A 108 27.83 -28.75 10.51
N ILE A 109 26.69 -28.61 9.88
CA ILE A 109 26.27 -27.46 9.09
C ILE A 109 26.27 -26.22 9.94
N ARG A 110 25.77 -26.22 11.20
CA ARG A 110 25.83 -25.00 12.01
C ARG A 110 27.24 -24.47 12.16
N ARG A 111 28.21 -25.33 12.35
CA ARG A 111 29.67 -25.16 12.54
C ARG A 111 30.28 -24.59 11.26
N PHE A 112 29.95 -25.17 10.12
CA PHE A 112 30.43 -24.61 8.84
C PHE A 112 29.94 -23.17 8.66
N ALA A 113 28.65 -22.95 8.96
CA ALA A 113 28.02 -21.66 8.82
C ALA A 113 28.71 -20.62 9.65
N LEU A 114 28.96 -20.92 10.89
CA LEU A 114 29.64 -19.99 11.80
C LEU A 114 31.08 -19.78 11.38
N ALA A 115 31.81 -20.80 10.93
CA ALA A 115 33.17 -20.76 10.41
C ALA A 115 33.20 -19.81 9.20
N LYS A 116 32.24 -20.00 8.27
CA LYS A 116 32.03 -19.18 7.07
C LYS A 116 31.80 -17.74 7.44
N VAL A 117 31.11 -17.36 8.52
CA VAL A 117 30.88 -16.01 9.00
C VAL A 117 32.16 -15.41 9.56
N LEU A 118 32.86 -16.17 10.42
CA LEU A 118 34.10 -15.74 11.10
C LEU A 118 35.16 -15.31 10.10
N HIS A 119 35.39 -16.13 9.07
CA HIS A 119 36.29 -15.83 7.96
C HIS A 119 35.84 -14.57 7.29
N ASN A 120 34.57 -14.37 7.00
CA ASN A 120 34.00 -13.16 6.38
C ASN A 120 34.16 -11.89 7.19
N ILE A 121 34.28 -11.89 8.50
CA ILE A 121 34.52 -10.77 9.43
C ILE A 121 35.91 -10.19 9.17
N ASP A 122 36.87 -11.09 9.00
CA ASP A 122 38.26 -10.79 8.62
C ASP A 122 38.24 -9.97 7.33
N LEU A 123 37.63 -10.53 6.31
CA LEU A 123 37.48 -9.85 5.01
C LEU A 123 36.81 -8.49 5.18
N ALA A 124 35.70 -8.41 5.91
CA ALA A 124 34.94 -7.20 6.19
C ALA A 124 35.84 -6.11 6.79
N ALA A 125 36.60 -6.56 7.78
CA ALA A 125 37.58 -5.77 8.52
C ALA A 125 38.64 -5.30 7.53
N GLU A 126 39.18 -6.17 6.69
CA GLU A 126 40.18 -5.70 5.73
C GLU A 126 39.60 -4.76 4.70
N MET A 127 38.36 -4.74 4.26
CA MET A 127 37.73 -3.84 3.32
C MET A 127 37.38 -2.48 3.86
N GLY A 128 37.50 -2.28 5.17
CA GLY A 128 37.18 -1.09 5.92
C GLY A 128 35.70 -0.94 6.17
N ALA A 129 34.87 -1.97 6.13
CA ALA A 129 33.42 -1.87 6.38
C ALA A 129 33.15 -1.49 7.80
N GLU A 130 32.20 -0.67 8.21
CA GLU A 130 31.80 -0.29 9.56
C GLU A 130 30.70 -1.28 10.04
N THR A 131 29.90 -1.84 9.10
CA THR A 131 28.81 -2.73 9.42
C THR A 131 28.89 -4.11 8.77
N PHE A 132 28.50 -5.08 9.60
CA PHE A 132 28.46 -6.51 9.22
C PHE A 132 26.99 -6.94 9.41
N VAL A 133 26.32 -7.23 8.30
CA VAL A 133 24.91 -7.60 8.32
C VAL A 133 24.72 -9.08 8.33
N MET A 134 23.73 -9.48 9.14
CA MET A 134 23.28 -10.89 9.17
C MET A 134 21.78 -10.91 8.82
N TRP A 135 21.51 -11.59 7.70
CA TRP A 135 20.12 -11.79 7.25
C TRP A 135 19.90 -13.30 7.34
N GLY A 136 19.23 -13.85 8.35
CA GLY A 136 19.06 -15.32 8.43
C GLY A 136 17.87 -15.80 7.61
N GLY A 137 17.92 -15.78 6.28
CA GLY A 137 16.94 -16.17 5.34
C GLY A 137 16.45 -17.60 5.39
N ARG A 138 17.30 -18.55 5.76
CA ARG A 138 16.89 -19.96 5.81
C ARG A 138 16.60 -20.38 7.25
N GLU A 139 16.69 -19.47 8.19
CA GLU A 139 16.42 -19.70 9.60
C GLU A 139 14.88 -19.65 9.82
N GLY A 140 14.29 -20.84 9.91
CA GLY A 140 12.84 -20.91 10.08
C GLY A 140 12.28 -22.29 9.77
N SER A 141 11.04 -22.31 9.28
CA SER A 141 10.37 -23.58 8.99
C SER A 141 9.14 -23.37 8.11
N GLU A 142 8.70 -24.45 7.46
CA GLU A 142 7.51 -24.46 6.66
C GLU A 142 6.36 -24.99 7.51
N TYR A 143 6.73 -25.92 8.46
CA TYR A 143 5.86 -26.69 9.35
C TYR A 143 6.22 -26.46 10.82
N ASP A 144 5.18 -26.40 11.67
CA ASP A 144 5.36 -26.10 13.09
C ASP A 144 6.10 -27.16 13.89
N GLY A 145 6.10 -28.45 13.54
CA GLY A 145 6.87 -29.37 14.34
C GLY A 145 8.31 -29.59 13.94
N SER A 146 8.83 -28.89 12.93
CA SER A 146 10.20 -29.03 12.46
C SER A 146 11.29 -28.56 13.40
N LYS A 147 10.97 -27.64 14.28
CA LYS A 147 11.86 -27.05 15.20
C LYS A 147 11.49 -27.03 16.67
N ASP A 148 12.52 -27.06 17.49
CA ASP A 148 12.46 -26.84 18.94
C ASP A 148 12.75 -25.31 18.87
N LEU A 149 11.72 -24.52 19.13
CA LEU A 149 11.77 -23.08 19.01
C LEU A 149 12.64 -22.44 20.02
N ALA A 150 12.78 -22.97 21.22
CA ALA A 150 13.63 -22.45 22.28
C ALA A 150 15.10 -22.74 21.89
N ALA A 151 15.36 -23.96 21.39
CA ALA A 151 16.69 -24.38 20.97
C ALA A 151 17.12 -23.56 19.75
N ALA A 152 16.23 -23.26 18.80
CA ALA A 152 16.51 -22.42 17.63
C ALA A 152 17.01 -21.07 18.07
N LEU A 153 16.44 -20.42 19.06
CA LEU A 153 16.86 -19.11 19.58
C LEU A 153 18.15 -19.26 20.32
N ASP A 154 18.43 -20.33 21.04
CA ASP A 154 19.70 -20.59 21.69
C ASP A 154 20.81 -20.72 20.65
N ARG A 155 20.59 -21.49 19.60
CA ARG A 155 21.50 -21.70 18.47
C ARG A 155 21.79 -20.38 17.74
N MET A 156 20.82 -19.53 17.51
CA MET A 156 20.97 -18.21 16.89
C MET A 156 21.85 -17.32 17.75
N ARG A 157 21.57 -17.30 19.03
CA ARG A 157 22.31 -16.56 20.03
C ARG A 157 23.79 -16.98 20.12
N GLU A 158 24.03 -18.27 20.12
CA GLU A 158 25.37 -18.85 20.16
C GLU A 158 26.16 -18.29 18.99
N GLY A 159 25.65 -18.40 17.78
CA GLY A 159 26.28 -17.89 16.56
C GLY A 159 26.51 -16.39 16.62
N VAL A 160 25.50 -15.57 16.94
CA VAL A 160 25.64 -14.12 16.98
C VAL A 160 26.60 -13.68 18.05
N ASP A 161 26.60 -14.26 19.26
CA ASP A 161 27.52 -13.87 20.34
C ASP A 161 28.93 -14.32 20.00
N THR A 162 29.17 -15.46 19.36
CA THR A 162 30.47 -15.93 18.95
C THR A 162 31.10 -14.95 17.95
N ALA A 163 30.37 -14.49 16.95
CA ALA A 163 30.76 -13.53 15.94
C ALA A 163 31.10 -12.21 16.60
N ALA A 164 30.36 -11.72 17.56
CA ALA A 164 30.55 -10.47 18.28
C ALA A 164 31.74 -10.47 19.23
N GLY A 165 31.95 -11.65 19.87
CA GLY A 165 33.06 -11.87 20.81
C GLY A 165 34.36 -11.80 19.98
N TYR A 166 34.33 -12.50 18.84
CA TYR A 166 35.45 -12.48 17.90
C TYR A 166 35.72 -11.05 17.50
N ILE A 167 34.82 -10.20 17.05
CA ILE A 167 35.07 -8.79 16.72
C ILE A 167 35.83 -8.05 17.82
N LYS A 168 35.34 -8.16 19.04
CA LYS A 168 35.89 -7.54 20.23
C LYS A 168 37.33 -8.02 20.46
N ASP A 169 37.55 -9.31 20.42
CA ASP A 169 38.84 -9.99 20.58
C ASP A 169 39.83 -9.52 19.53
N LYS A 170 39.45 -9.44 18.26
CA LYS A 170 40.30 -8.98 17.21
C LYS A 170 40.48 -7.47 17.16
N GLY A 171 39.76 -6.65 17.94
CA GLY A 171 39.78 -5.21 17.93
C GLY A 171 39.20 -4.51 16.69
N TYR A 172 38.48 -5.21 15.82
CA TYR A 172 37.87 -4.71 14.62
C TYR A 172 36.82 -3.66 14.98
N ASN A 173 36.74 -2.69 14.12
CA ASN A 173 35.79 -1.57 14.26
C ASN A 173 34.58 -1.82 13.37
N LEU A 174 33.73 -2.77 13.71
CA LEU A 174 32.56 -3.30 13.15
C LEU A 174 31.48 -3.60 14.21
N ARG A 175 30.30 -3.32 13.80
CA ARG A 175 29.08 -3.59 14.53
C ARG A 175 28.26 -4.55 13.64
N ILE A 176 27.54 -5.47 14.21
CA ILE A 176 26.65 -6.43 13.57
C ILE A 176 25.22 -5.85 13.50
N ALA A 177 24.62 -5.98 12.32
CA ALA A 177 23.24 -5.50 12.14
C ALA A 177 22.42 -6.73 11.75
N LEU A 178 21.38 -7.05 12.51
CA LEU A 178 20.52 -8.19 12.17
C LEU A 178 19.37 -7.65 11.30
N GLU A 179 19.01 -8.48 10.33
CA GLU A 179 17.96 -8.09 9.39
C GLU A 179 16.77 -9.05 9.34
N PRO A 180 15.68 -8.52 9.91
CA PRO A 180 14.42 -9.27 9.96
C PRO A 180 13.70 -9.30 8.66
N LYS A 181 12.95 -10.41 8.52
CA LYS A 181 12.11 -10.80 7.39
C LYS A 181 11.13 -11.86 7.92
N PRO A 182 9.82 -11.64 7.69
CA PRO A 182 8.75 -12.51 8.16
C PRO A 182 8.68 -13.83 7.45
N ASN A 183 8.94 -13.92 6.17
CA ASN A 183 8.85 -15.15 5.39
C ASN A 183 9.59 -14.93 4.10
N GLU A 184 9.77 -15.96 3.34
CA GLU A 184 10.39 -16.05 1.99
C GLU A 184 11.88 -15.92 2.05
N PRO A 185 12.69 -16.98 1.87
CA PRO A 185 12.27 -18.29 1.40
C PRO A 185 11.66 -19.32 2.30
N ARG A 186 11.62 -19.13 3.60
CA ARG A 186 11.01 -20.15 4.47
C ARG A 186 9.55 -19.72 4.64
N GLY A 187 8.77 -20.69 5.09
CA GLY A 187 7.33 -20.40 5.37
C GLY A 187 7.24 -19.37 6.48
N ASP A 188 8.01 -19.46 7.56
CA ASP A 188 8.01 -18.54 8.69
C ASP A 188 9.47 -18.29 8.97
N ILE A 189 9.95 -17.07 9.12
CA ILE A 189 11.39 -16.91 9.42
C ILE A 189 11.57 -16.46 10.87
N PHE A 190 12.65 -16.94 11.52
CA PHE A 190 12.86 -16.53 12.91
C PHE A 190 13.17 -15.06 12.95
N LEU A 191 12.75 -14.35 13.98
CA LEU A 191 12.92 -12.91 14.19
C LEU A 191 12.31 -12.19 12.98
N PRO A 192 11.01 -12.34 12.83
CA PRO A 192 10.30 -11.82 11.65
C PRO A 192 10.17 -10.37 11.47
N THR A 193 10.19 -9.52 12.48
CA THR A 193 9.98 -8.08 12.33
C THR A 193 11.00 -7.35 13.17
N VAL A 194 11.10 -6.03 13.02
CA VAL A 194 11.95 -5.13 13.79
C VAL A 194 11.75 -5.42 15.27
N GLY A 195 10.54 -5.52 15.82
CA GLY A 195 10.38 -5.81 17.24
C GLY A 195 11.06 -7.07 17.69
N HIS A 196 10.95 -8.18 16.98
CA HIS A 196 11.55 -9.47 17.28
C HIS A 196 13.07 -9.35 17.21
N GLY A 197 13.62 -8.61 16.20
CA GLY A 197 15.10 -8.45 16.24
C GLY A 197 15.56 -7.70 17.47
N LEU A 198 14.91 -6.55 17.77
CA LEU A 198 15.26 -5.75 18.98
C LEU A 198 15.12 -6.59 20.23
N ALA A 199 14.08 -7.36 20.41
CA ALA A 199 13.87 -8.21 21.60
C ALA A 199 15.05 -9.18 21.79
N PHE A 200 15.39 -9.86 20.70
CA PHE A 200 16.49 -10.84 20.66
C PHE A 200 17.82 -10.24 21.06
N ILE A 201 18.21 -9.06 20.57
CA ILE A 201 19.44 -8.40 20.94
C ILE A 201 19.57 -8.29 22.44
N GLU A 202 18.58 -7.98 23.24
CA GLU A 202 18.54 -7.88 24.67
C GLU A 202 18.84 -9.16 25.43
N GLN A 203 18.86 -10.33 24.90
CA GLN A 203 19.16 -11.61 25.46
C GLN A 203 20.57 -12.07 25.17
N LEU A 204 21.27 -11.31 24.37
CA LEU A 204 22.63 -11.50 23.92
C LEU A 204 23.67 -11.03 24.98
N GLU A 205 24.77 -11.80 25.04
CA GLU A 205 25.87 -11.49 25.92
C GLU A 205 26.54 -10.23 25.41
N HIS A 206 26.75 -10.11 24.11
CA HIS A 206 27.41 -9.00 23.46
C HIS A 206 26.54 -8.10 22.63
N GLY A 207 25.34 -7.75 23.03
CA GLY A 207 24.36 -6.93 22.40
C GLY A 207 24.65 -5.49 22.17
N ASP A 208 25.72 -5.01 22.87
CA ASP A 208 26.21 -3.62 22.81
C ASP A 208 26.67 -3.31 21.38
N ILE A 209 27.25 -4.27 20.67
CA ILE A 209 27.70 -4.09 19.32
C ILE A 209 26.72 -4.70 18.38
N VAL A 210 25.52 -5.13 18.77
CA VAL A 210 24.51 -5.71 17.86
C VAL A 210 23.28 -4.79 17.79
N GLY A 211 22.87 -4.47 16.55
CA GLY A 211 21.73 -3.58 16.23
C GLY A 211 20.96 -4.13 15.05
N LEU A 212 20.16 -3.27 14.42
CA LEU A 212 19.33 -3.72 13.27
C LEU A 212 19.60 -3.15 11.91
N ASN A 213 19.21 -3.86 10.88
CA ASN A 213 19.27 -3.51 9.48
C ASN A 213 17.86 -3.76 8.90
N PRO A 214 16.90 -2.92 9.17
CA PRO A 214 15.50 -3.12 8.66
C PRO A 214 15.39 -2.83 7.19
N GLU A 215 14.53 -3.55 6.52
CA GLU A 215 14.33 -3.27 5.07
C GLU A 215 12.88 -2.94 4.91
N THR A 216 12.55 -1.91 4.15
CA THR A 216 11.26 -1.36 3.85
C THR A 216 10.22 -2.40 3.50
N GLY A 217 10.47 -3.26 2.51
CA GLY A 217 9.55 -4.25 2.01
C GLY A 217 9.36 -5.43 2.99
N HIS A 218 10.34 -5.74 3.81
CA HIS A 218 10.25 -6.81 4.78
C HIS A 218 9.16 -6.47 5.80
N GLU A 219 9.18 -5.30 6.40
CA GLU A 219 8.17 -4.84 7.31
C GLU A 219 6.81 -4.79 6.67
N GLN A 220 6.64 -4.35 5.44
CA GLN A 220 5.43 -4.26 4.68
C GLN A 220 4.89 -5.60 4.26
N MET A 221 5.61 -6.72 4.27
CA MET A 221 5.20 -8.07 3.99
C MET A 221 4.39 -8.61 5.20
N ALA A 222 4.37 -8.02 6.39
CA ALA A 222 3.63 -8.31 7.59
C ALA A 222 2.54 -7.25 7.79
N GLY A 223 2.48 -6.29 6.88
CA GLY A 223 1.59 -5.13 6.83
C GLY A 223 1.92 -4.08 7.89
N LEU A 224 3.13 -3.97 8.40
CA LEU A 224 3.53 -3.01 9.40
C LEU A 224 3.91 -1.71 8.68
N ASN A 225 4.02 -0.69 9.51
CA ASN A 225 4.36 0.69 9.21
C ASN A 225 5.87 0.78 9.42
N PHE A 226 6.50 0.90 8.22
CA PHE A 226 7.98 0.94 8.17
C PHE A 226 8.49 2.09 8.99
N THR A 227 7.96 3.29 8.85
CA THR A 227 8.29 4.48 9.65
C THR A 227 8.08 4.23 11.11
N HIS A 228 7.04 3.57 11.61
CA HIS A 228 6.88 3.30 13.04
C HIS A 228 7.96 2.34 13.52
N GLY A 229 8.29 1.32 12.72
CA GLY A 229 9.29 0.34 13.11
C GLY A 229 10.67 0.90 13.18
N ILE A 230 11.08 1.74 12.19
CA ILE A 230 12.45 2.31 12.28
C ILE A 230 12.47 3.31 13.40
N ALA A 231 11.38 3.98 13.80
CA ALA A 231 11.28 4.92 14.91
C ALA A 231 11.49 4.18 16.21
N GLN A 232 11.02 2.93 16.33
CA GLN A 232 11.26 2.16 17.58
C GLN A 232 12.72 1.78 17.68
N ALA A 233 13.36 1.45 16.54
CA ALA A 233 14.79 1.08 16.47
C ALA A 233 15.66 2.26 16.85
N LEU A 234 15.35 3.43 16.35
CA LEU A 234 16.02 4.69 16.62
C LEU A 234 16.03 5.05 18.11
N TRP A 235 14.83 5.04 18.71
CA TRP A 235 14.45 5.29 20.09
C TRP A 235 15.24 4.36 20.93
N ALA A 236 15.51 3.10 20.65
CA ALA A 236 16.33 2.18 21.42
C ALA A 236 17.81 2.27 21.08
N GLU A 237 18.18 3.13 20.15
CA GLU A 237 19.48 3.43 19.62
C GLU A 237 20.09 2.18 19.06
N LYS A 238 19.30 1.58 18.13
CA LYS A 238 19.73 0.31 17.54
C LYS A 238 19.62 0.36 16.06
N LEU A 239 19.45 1.58 15.51
CA LEU A 239 19.28 1.63 14.02
C LEU A 239 20.68 1.80 13.42
N PHE A 240 21.33 0.68 13.13
CA PHE A 240 22.70 0.65 12.61
C PHE A 240 22.89 0.78 11.11
N HIS A 241 21.93 0.38 10.36
CA HIS A 241 21.97 0.38 8.91
C HIS A 241 20.52 0.35 8.45
N ILE A 242 20.27 0.58 7.18
CA ILE A 242 18.88 0.53 6.66
C ILE A 242 18.98 0.05 5.23
N ASP A 243 17.99 -0.72 4.80
CA ASP A 243 17.83 -1.24 3.46
C ASP A 243 16.58 -0.56 2.88
N LEU A 244 16.71 0.24 1.84
CA LEU A 244 15.58 0.93 1.23
C LEU A 244 15.20 0.31 -0.11
N ASN A 245 13.94 0.09 -0.38
CA ASN A 245 13.35 -0.46 -1.59
C ASN A 245 11.81 -0.19 -1.53
N GLY A 246 11.08 -0.80 -2.45
CA GLY A 246 9.63 -0.64 -2.49
C GLY A 246 8.98 -2.00 -2.59
N GLN A 247 7.76 -2.01 -2.10
CA GLN A 247 6.85 -3.16 -1.99
C GLN A 247 5.44 -2.73 -2.21
N ARG A 248 4.72 -3.45 -3.04
CA ARG A 248 3.30 -3.08 -3.29
C ARG A 248 2.35 -4.09 -2.61
N GLY A 249 2.35 -4.16 -1.25
CA GLY A 249 1.44 -5.02 -0.53
C GLY A 249 1.97 -6.26 0.10
N ILE A 250 1.07 -7.03 0.74
CA ILE A 250 1.46 -8.31 1.37
C ILE A 250 1.50 -9.38 0.29
N LYS A 251 2.72 -9.79 -0.04
CA LYS A 251 2.94 -10.78 -1.11
C LYS A 251 4.42 -11.02 -1.12
N TYR A 252 4.92 -11.74 -2.07
CA TYR A 252 6.35 -12.04 -2.28
C TYR A 252 7.10 -10.71 -2.24
N ASP A 253 8.31 -10.71 -1.90
CA ASP A 253 9.24 -9.57 -1.82
C ASP A 253 9.62 -9.16 -3.28
N GLN A 254 9.13 -8.03 -3.63
CA GLN A 254 9.26 -7.42 -4.94
C GLN A 254 10.60 -6.75 -5.12
N ASP A 255 11.17 -6.10 -4.11
CA ASP A 255 12.44 -5.40 -4.21
C ASP A 255 12.32 -4.32 -5.28
N LEU A 256 11.27 -3.46 -5.21
CA LEU A 256 11.17 -2.45 -6.27
C LEU A 256 12.11 -1.33 -5.89
N VAL A 257 12.23 -0.40 -6.83
CA VAL A 257 13.02 0.81 -6.50
C VAL A 257 12.36 1.51 -5.30
N PHE A 258 13.21 2.14 -4.49
CA PHE A 258 12.67 2.90 -3.36
C PHE A 258 11.76 4.02 -3.91
N GLY A 259 10.55 4.06 -3.40
CA GLY A 259 9.53 5.04 -3.75
C GLY A 259 8.57 4.53 -4.78
N HIS A 260 8.83 3.36 -5.36
CA HIS A 260 8.03 2.69 -6.37
C HIS A 260 6.98 1.72 -5.77
N GLY A 261 6.89 1.66 -4.48
CA GLY A 261 5.94 0.93 -3.67
C GLY A 261 4.96 1.88 -2.98
N ASP A 262 4.93 1.83 -1.65
CA ASP A 262 4.00 2.74 -0.93
C ASP A 262 4.65 4.11 -0.88
N LEU A 263 4.24 5.08 -1.66
CA LEU A 263 4.80 6.42 -1.80
C LEU A 263 4.69 7.31 -0.60
N THR A 264 3.53 7.40 0.00
CA THR A 264 3.35 8.25 1.22
C THR A 264 4.20 7.70 2.34
N SER A 265 4.26 6.39 2.55
CA SER A 265 5.15 5.77 3.57
C SER A 265 6.59 6.15 3.22
N ALA A 266 7.08 6.05 2.01
CA ALA A 266 8.41 6.48 1.54
C ALA A 266 8.66 7.96 1.90
N PHE A 267 7.76 8.91 1.68
CA PHE A 267 7.75 10.28 2.05
C PHE A 267 8.03 10.42 3.52
N PHE A 268 7.24 9.79 4.42
CA PHE A 268 7.41 9.85 5.87
C PHE A 268 8.65 9.16 6.32
N THR A 269 9.18 8.16 5.66
CA THR A 269 10.48 7.52 6.05
C THR A 269 11.63 8.51 5.79
N VAL A 270 11.60 9.18 4.64
CA VAL A 270 12.59 10.20 4.29
C VAL A 270 12.53 11.34 5.33
N ASP A 271 11.35 11.83 5.67
CA ASP A 271 11.17 12.89 6.70
C ASP A 271 11.83 12.51 8.02
N LEU A 272 11.60 11.26 8.47
CA LEU A 272 12.19 10.73 9.68
C LEU A 272 13.71 10.70 9.43
N LEU A 273 14.27 10.16 8.38
CA LEU A 273 15.69 10.07 8.17
C LEU A 273 16.35 11.46 8.13
N GLU A 274 15.80 12.39 7.43
CA GLU A 274 16.29 13.76 7.28
C GLU A 274 15.92 14.74 8.34
N ASN A 275 14.66 14.83 8.73
CA ASN A 275 14.23 15.79 9.73
C ASN A 275 14.31 15.28 11.14
N GLY A 276 14.42 14.01 11.44
CA GLY A 276 14.41 13.54 12.81
C GLY A 276 12.99 13.66 13.41
N PHE A 277 12.90 13.58 14.72
CA PHE A 277 11.64 13.65 15.46
C PHE A 277 11.34 15.11 15.72
N PRO A 278 10.05 15.48 15.57
CA PRO A 278 9.56 16.84 15.83
C PRO A 278 9.95 17.45 17.12
N ASN A 279 10.08 16.76 18.24
CA ASN A 279 10.46 17.25 19.54
C ASN A 279 11.90 16.84 19.73
N GLY A 280 12.66 16.35 18.74
CA GLY A 280 14.06 16.03 19.03
C GLY A 280 14.32 14.62 19.42
N GLY A 281 15.53 14.14 19.43
CA GLY A 281 15.81 12.70 19.74
C GLY A 281 16.96 12.32 18.78
N PRO A 282 17.31 11.04 18.79
CA PRO A 282 18.43 10.56 17.99
C PRO A 282 18.12 10.74 16.53
N LYS A 283 19.12 10.77 15.69
CA LYS A 283 19.01 10.91 14.23
C LYS A 283 19.76 9.77 13.59
N TYR A 284 19.28 9.24 12.46
CA TYR A 284 20.02 8.12 11.83
C TYR A 284 21.19 8.73 11.01
N THR A 285 22.35 8.15 11.24
CA THR A 285 23.41 8.77 10.44
C THR A 285 24.20 8.02 9.42
N GLY A 286 24.02 6.74 9.21
CA GLY A 286 24.72 5.91 8.26
C GLY A 286 24.27 6.02 6.80
N PRO A 287 24.67 4.96 6.07
CA PRO A 287 24.37 4.91 4.65
C PRO A 287 22.86 4.72 4.43
N ARG A 288 22.48 5.21 3.27
CA ARG A 288 21.17 5.09 2.68
C ARG A 288 21.46 4.01 1.60
N HIS A 289 21.21 2.77 1.95
CA HIS A 289 21.50 1.60 1.15
C HIS A 289 20.26 1.13 0.42
N PHE A 290 20.36 0.80 -0.84
CA PHE A 290 19.24 0.35 -1.65
C PHE A 290 19.43 -1.13 -1.95
N ASP A 291 18.47 -1.91 -1.38
CA ASP A 291 18.50 -3.41 -1.59
C ASP A 291 17.32 -3.67 -2.48
N TYR A 292 17.48 -3.61 -3.77
CA TYR A 292 16.31 -3.75 -4.70
C TYR A 292 16.77 -4.61 -5.83
N LYS A 293 15.93 -4.92 -6.75
CA LYS A 293 16.25 -5.69 -7.93
C LYS A 293 15.62 -5.00 -9.15
N PRO A 294 16.42 -4.73 -10.19
CA PRO A 294 15.91 -4.14 -11.44
C PRO A 294 14.93 -5.14 -12.07
N SER A 295 13.67 -4.75 -12.36
CA SER A 295 12.71 -5.72 -12.92
C SER A 295 13.33 -6.53 -14.01
N ARG A 296 13.13 -7.82 -14.13
CA ARG A 296 13.68 -8.71 -15.15
C ARG A 296 13.19 -8.46 -16.57
N THR A 297 12.24 -7.62 -16.86
CA THR A 297 11.69 -7.21 -18.09
C THR A 297 12.65 -6.26 -18.85
N ASP A 298 13.45 -5.52 -18.18
CA ASP A 298 14.41 -4.52 -18.54
C ASP A 298 15.83 -5.10 -18.69
N GLY A 299 16.39 -4.52 -19.73
CA GLY A 299 17.78 -4.79 -20.20
C GLY A 299 18.70 -3.95 -19.38
N TYR A 300 19.99 -3.91 -19.68
CA TYR A 300 20.99 -3.15 -18.90
C TYR A 300 20.82 -1.66 -18.90
N ASP A 301 20.18 -1.06 -19.91
CA ASP A 301 19.90 0.38 -19.85
C ASP A 301 18.97 0.62 -18.66
N GLY A 302 17.96 -0.24 -18.52
CA GLY A 302 17.03 -0.25 -17.40
C GLY A 302 17.75 -0.47 -16.07
N VAL A 303 18.77 -1.30 -15.96
CA VAL A 303 19.52 -1.51 -14.73
C VAL A 303 20.06 -0.17 -14.29
N TRP A 304 20.80 0.55 -15.12
CA TRP A 304 21.40 1.86 -14.72
C TRP A 304 20.36 2.89 -14.45
N ASP A 305 19.29 2.90 -15.19
CA ASP A 305 18.13 3.73 -14.99
C ASP A 305 17.56 3.50 -13.59
N SER A 306 17.38 2.24 -13.21
CA SER A 306 16.81 1.84 -11.91
C SER A 306 17.67 2.26 -10.75
N ALA A 307 19.00 2.20 -10.88
CA ALA A 307 19.97 2.62 -9.87
C ALA A 307 19.82 4.11 -9.64
N LYS A 308 19.69 4.81 -10.80
CA LYS A 308 19.50 6.29 -10.84
C LYS A 308 18.17 6.67 -10.23
N ALA A 309 17.08 5.95 -10.57
CA ALA A 309 15.73 6.17 -9.98
C ALA A 309 15.80 6.07 -8.47
N ASN A 310 16.49 5.15 -7.82
CA ASN A 310 16.61 5.06 -6.39
C ASN A 310 17.07 6.38 -5.79
N MET A 311 18.20 6.91 -6.25
CA MET A 311 18.77 8.18 -5.76
C MET A 311 17.88 9.35 -6.12
N SER A 312 17.28 9.40 -7.28
CA SER A 312 16.37 10.49 -7.64
C SER A 312 15.14 10.51 -6.73
N MET A 313 14.53 9.34 -6.52
CA MET A 313 13.36 9.23 -5.65
C MET A 313 13.66 9.79 -4.28
N TYR A 314 14.74 9.28 -3.68
CA TYR A 314 15.20 9.74 -2.35
C TYR A 314 15.40 11.24 -2.34
N LEU A 315 16.14 11.79 -3.32
CA LEU A 315 16.38 13.26 -3.39
C LEU A 315 15.13 14.05 -3.58
N LEU A 316 14.21 13.64 -4.43
CA LEU A 316 12.93 14.30 -4.61
C LEU A 316 12.11 14.29 -3.32
N LEU A 317 12.06 13.13 -2.62
CA LEU A 317 11.30 13.01 -1.36
C LEU A 317 11.88 13.91 -0.30
N LYS A 318 13.21 13.92 -0.24
CA LYS A 318 13.96 14.78 0.67
C LYS A 318 13.63 16.26 0.50
N GLU A 319 13.57 16.74 -0.75
CA GLU A 319 13.25 18.14 -1.12
C GLU A 319 11.88 18.46 -0.56
N ARG A 320 10.88 17.61 -0.84
CA ARG A 320 9.50 17.78 -0.36
C ARG A 320 9.38 17.70 1.14
N ALA A 321 10.04 16.76 1.83
CA ALA A 321 10.04 16.61 3.27
C ALA A 321 10.68 17.80 3.99
N LEU A 322 11.71 18.46 3.44
CA LEU A 322 12.36 19.64 4.01
C LEU A 322 11.41 20.82 3.79
N ALA A 323 10.77 20.92 2.67
CA ALA A 323 9.79 21.97 2.34
C ALA A 323 8.59 21.87 3.29
N PHE A 324 8.13 20.64 3.50
CA PHE A 324 6.99 20.34 4.36
C PHE A 324 7.19 20.85 5.75
N ARG A 325 8.28 20.50 6.42
CA ARG A 325 8.53 20.95 7.80
C ARG A 325 8.89 22.40 7.96
N ALA A 326 9.33 23.08 6.92
CA ALA A 326 9.71 24.49 6.89
C ALA A 326 8.48 25.36 6.69
N ASP A 327 7.41 24.81 6.19
CA ASP A 327 6.17 25.55 6.00
C ASP A 327 5.55 25.91 7.34
N PRO A 328 5.34 27.22 7.52
CA PRO A 328 4.68 27.82 8.69
C PRO A 328 3.27 27.32 8.98
N GLU A 329 2.49 27.04 7.93
CA GLU A 329 1.15 26.48 7.91
C GLU A 329 1.27 25.05 8.51
N VAL A 330 2.28 24.28 8.02
CA VAL A 330 2.47 22.95 8.60
C VAL A 330 2.85 23.07 10.06
N GLN A 331 3.71 23.97 10.47
CA GLN A 331 4.14 24.15 11.86
C GLN A 331 2.94 24.48 12.76
N GLU A 332 2.04 25.33 12.29
CA GLU A 332 0.81 25.74 12.97
C GLU A 332 -0.10 24.52 13.09
N ALA A 333 -0.31 23.74 12.02
CA ALA A 333 -1.14 22.52 12.04
C ALA A 333 -0.64 21.52 13.03
N MET A 334 0.65 21.31 13.23
CA MET A 334 1.35 20.45 14.14
C MET A 334 1.09 20.76 15.64
N LYS A 335 1.09 22.06 15.94
CA LYS A 335 0.86 22.66 17.24
C LYS A 335 -0.61 22.42 17.56
N THR A 336 -1.53 22.79 16.69
CA THR A 336 -2.95 22.55 16.84
C THR A 336 -3.30 21.09 17.17
N SER A 337 -2.78 20.12 16.44
CA SER A 337 -2.92 18.71 16.58
C SER A 337 -2.19 18.17 17.80
N GLY A 338 -1.36 18.90 18.54
CA GLY A 338 -0.74 18.35 19.69
C GLY A 338 0.52 17.60 19.47
N VAL A 339 1.15 17.76 18.28
CA VAL A 339 2.43 17.06 18.05
C VAL A 339 3.50 17.44 19.05
N PHE A 340 3.64 18.74 19.38
CA PHE A 340 4.67 19.18 20.39
C PHE A 340 4.20 18.87 21.78
N GLU A 341 2.90 18.92 22.04
CA GLU A 341 2.29 18.59 23.34
C GLU A 341 2.59 17.18 23.74
N LEU A 342 2.72 16.20 22.80
CA LEU A 342 3.13 14.86 23.15
C LEU A 342 4.48 14.77 23.81
N GLY A 343 5.41 15.65 23.61
CA GLY A 343 6.74 15.82 24.12
C GLY A 343 6.79 16.27 25.55
N GLU A 344 5.80 16.87 26.16
CA GLU A 344 5.80 17.28 27.59
C GLU A 344 5.53 16.05 28.46
N THR A 345 6.29 15.80 29.49
CA THR A 345 6.06 14.65 30.35
C THR A 345 4.64 14.73 30.92
N THR A 346 4.02 13.59 31.18
CA THR A 346 2.66 13.50 31.69
C THR A 346 2.57 14.00 33.13
N LEU A 347 3.46 13.53 33.96
CA LEU A 347 3.58 13.99 35.33
C LEU A 347 4.40 15.29 35.43
N ASN A 348 4.23 16.05 36.47
CA ASN A 348 5.00 17.26 36.82
C ASN A 348 6.29 16.79 37.48
N ALA A 349 7.26 17.67 37.48
CA ALA A 349 8.60 17.43 38.07
C ALA A 349 8.36 17.00 39.51
N GLY A 350 8.98 15.91 39.92
CA GLY A 350 8.80 15.32 41.22
C GLY A 350 7.30 15.29 41.58
N GLU A 351 6.47 14.55 40.87
CA GLU A 351 5.03 14.36 41.11
C GLU A 351 5.07 12.83 41.16
N SER A 352 4.60 12.21 42.22
CA SER A 352 4.64 10.71 42.16
C SER A 352 3.24 10.22 41.72
N ALA A 353 3.13 8.90 41.67
CA ALA A 353 1.87 8.19 41.35
C ALA A 353 0.79 8.58 42.35
N ALA A 354 1.14 8.45 43.65
CA ALA A 354 0.27 8.81 44.79
C ALA A 354 -0.13 10.25 44.66
N ASP A 355 0.77 11.17 44.45
CA ASP A 355 0.45 12.59 44.19
C ASP A 355 -0.57 12.80 43.10
N LEU A 356 -0.48 12.11 41.95
CA LEU A 356 -1.37 12.17 40.80
C LEU A 356 -2.75 11.63 41.10
N MET A 357 -2.85 10.47 41.73
CA MET A 357 -4.15 9.84 42.06
C MET A 357 -5.14 10.68 42.91
N ASN A 358 -4.57 11.41 43.80
CA ASN A 358 -4.81 12.42 44.75
C ASN A 358 -5.09 13.79 44.11
N ASP A 359 -4.57 14.11 42.93
CA ASP A 359 -4.90 15.42 42.33
C ASP A 359 -6.31 15.28 41.79
N SER A 360 -7.28 15.97 42.32
CA SER A 360 -8.68 16.01 41.98
C SER A 360 -9.02 16.44 40.58
N ALA A 361 -8.22 17.36 40.09
CA ALA A 361 -8.30 17.96 38.77
C ALA A 361 -8.02 16.91 37.68
N SER A 362 -7.09 15.99 37.93
CA SER A 362 -6.71 14.93 37.01
C SER A 362 -7.63 13.74 36.83
N PHE A 363 -8.42 13.47 37.85
CA PHE A 363 -9.33 12.33 37.91
C PHE A 363 -10.71 12.61 38.41
N ALA A 364 -10.99 12.62 39.71
CA ALA A 364 -12.32 12.86 40.28
C ALA A 364 -13.02 14.08 39.72
N GLY A 365 -12.36 15.22 39.55
CA GLY A 365 -13.01 16.39 39.00
C GLY A 365 -12.65 16.60 37.56
N PHE A 366 -12.17 15.58 36.87
CA PHE A 366 -11.83 15.80 35.44
C PHE A 366 -13.05 15.76 34.57
N ASP A 367 -13.16 16.79 33.72
CA ASP A 367 -14.27 16.82 32.78
C ASP A 367 -13.96 16.13 31.44
N ALA A 368 -14.13 14.82 31.44
CA ALA A 368 -13.95 13.88 30.30
C ALA A 368 -14.79 14.21 29.09
N GLU A 369 -16.04 14.60 29.21
CA GLU A 369 -16.86 14.95 28.06
C GLU A 369 -16.30 16.25 27.47
N ALA A 370 -15.88 17.23 28.26
CA ALA A 370 -15.31 18.47 27.76
C ALA A 370 -13.95 18.23 27.09
N ALA A 371 -13.09 17.39 27.65
CA ALA A 371 -11.79 17.06 27.02
C ALA A 371 -11.95 16.42 25.68
N ALA A 372 -12.93 15.52 25.48
CA ALA A 372 -13.27 14.76 24.31
C ALA A 372 -13.74 15.58 23.16
N GLU A 373 -14.05 16.82 23.35
CA GLU A 373 -14.50 17.78 22.35
C GLU A 373 -13.32 18.30 21.52
N ARG A 374 -12.06 18.24 21.92
CA ARG A 374 -10.99 18.72 21.06
C ARG A 374 -10.99 18.13 19.63
N ASN A 375 -10.90 19.01 18.67
CA ASN A 375 -10.79 18.63 17.27
C ASN A 375 -9.27 18.39 17.14
N PHE A 376 -8.77 17.16 17.05
CA PHE A 376 -7.32 16.97 16.87
C PHE A 376 -6.89 17.39 15.46
N ALA A 377 -7.67 17.48 14.43
CA ALA A 377 -7.45 17.90 13.09
C ALA A 377 -6.28 17.22 12.42
N PHE A 378 -6.27 15.90 12.56
CA PHE A 378 -5.27 15.00 11.97
C PHE A 378 -5.45 14.92 10.46
N ILE A 379 -6.68 14.98 9.98
CA ILE A 379 -7.01 14.89 8.56
C ILE A 379 -6.38 16.06 7.80
N ARG A 380 -6.59 17.27 8.34
CA ARG A 380 -6.02 18.50 7.83
C ARG A 380 -4.49 18.41 7.83
N LEU A 381 -3.85 17.98 8.88
CA LEU A 381 -2.38 17.80 8.91
C LEU A 381 -1.97 16.79 7.85
N ASN A 382 -2.74 15.70 7.60
CA ASN A 382 -2.48 14.72 6.58
C ASN A 382 -2.63 15.35 5.20
N GLN A 383 -3.62 16.19 4.98
CA GLN A 383 -3.85 16.86 3.69
C GLN A 383 -2.65 17.78 3.35
N LEU A 384 -2.21 18.57 4.32
CA LEU A 384 -1.04 19.40 4.16
C LEU A 384 0.18 18.52 3.84
N ALA A 385 0.48 17.40 4.48
CA ALA A 385 1.64 16.60 4.10
C ALA A 385 1.50 16.15 2.65
N ILE A 386 0.35 15.61 2.18
CA ILE A 386 0.19 15.11 0.84
C ILE A 386 0.36 16.21 -0.19
N GLU A 387 -0.17 17.40 0.00
CA GLU A 387 -0.03 18.54 -0.93
C GLU A 387 1.44 18.92 -1.08
N HIS A 388 2.26 18.86 -0.06
CA HIS A 388 3.66 19.06 -0.08
C HIS A 388 4.29 17.89 -0.85
N LEU A 389 3.96 16.64 -0.65
CA LEU A 389 4.48 15.53 -1.45
C LEU A 389 4.14 15.66 -2.93
N LEU A 390 3.00 16.14 -3.40
CA LEU A 390 2.60 16.32 -4.74
C LEU A 390 3.16 17.59 -5.38
N GLY A 391 3.88 18.42 -4.71
CA GLY A 391 4.51 19.64 -5.03
C GLY A 391 3.50 20.69 -5.40
N SER A 392 2.38 20.81 -4.73
CA SER A 392 1.34 21.79 -5.13
C SER A 392 1.35 22.93 -4.12
N ARG A 393 2.10 22.71 -3.10
CA ARG A 393 2.49 23.47 -1.96
C ARG A 393 4.04 23.22 -2.08
N VAL B 1 -7.25 24.74 -7.43
CA VAL B 1 -8.30 23.78 -7.78
C VAL B 1 -9.48 23.98 -6.83
N GLN B 2 -10.58 24.32 -7.46
CA GLN B 2 -11.88 24.55 -6.82
C GLN B 2 -12.88 23.70 -7.61
N PRO B 3 -13.51 22.79 -6.86
CA PRO B 3 -14.46 21.90 -7.53
C PRO B 3 -15.68 22.74 -7.88
N THR B 4 -16.35 22.31 -8.90
CA THR B 4 -17.59 22.97 -9.28
C THR B 4 -18.49 21.81 -9.59
N PRO B 5 -19.82 21.98 -9.51
CA PRO B 5 -20.81 20.98 -9.92
C PRO B 5 -20.53 20.28 -11.21
N ALA B 6 -19.86 20.74 -12.26
CA ALA B 6 -19.58 20.05 -13.51
C ALA B 6 -18.60 18.91 -13.40
N ASP B 7 -17.81 18.85 -12.32
CA ASP B 7 -16.87 17.87 -11.89
C ASP B 7 -17.52 16.55 -11.44
N HIS B 8 -18.79 16.60 -11.11
CA HIS B 8 -19.67 15.56 -10.68
C HIS B 8 -19.28 14.76 -9.46
N PHE B 9 -18.81 15.47 -8.48
CA PHE B 9 -18.45 14.93 -7.17
C PHE B 9 -19.74 14.81 -6.35
N THR B 10 -20.01 13.58 -5.89
CA THR B 10 -21.20 13.25 -5.09
C THR B 10 -20.75 12.63 -3.80
N PHE B 11 -21.49 12.79 -2.72
CA PHE B 11 -21.13 12.31 -1.39
C PHE B 11 -22.31 11.60 -0.73
N GLY B 12 -22.00 10.58 0.09
CA GLY B 12 -23.14 9.88 0.73
C GLY B 12 -23.46 10.68 1.97
N LEU B 13 -24.73 10.65 2.40
CA LEU B 13 -25.16 11.33 3.65
C LEU B 13 -24.51 10.72 4.85
N TRP B 14 -24.26 9.37 4.76
CA TRP B 14 -23.56 8.62 5.82
C TRP B 14 -22.07 8.82 5.91
N THR B 15 -21.46 9.53 4.98
CA THR B 15 -19.99 9.77 5.01
C THR B 15 -19.71 10.87 6.01
N VAL B 16 -20.14 12.11 5.72
CA VAL B 16 -19.97 13.30 6.59
C VAL B 16 -20.75 13.21 7.88
N GLY B 17 -21.87 12.46 7.84
CA GLY B 17 -22.78 12.13 8.88
C GLY B 17 -22.29 11.03 9.80
N TRP B 18 -21.23 10.29 9.55
CA TRP B 18 -20.66 9.23 10.39
C TRP B 18 -20.04 9.97 11.59
N THR B 19 -20.66 9.58 12.66
CA THR B 19 -20.48 10.07 14.08
C THR B 19 -19.36 9.44 14.85
N GLY B 20 -18.76 8.35 14.29
CA GLY B 20 -17.61 7.76 14.96
C GLY B 20 -17.74 6.52 15.75
N ALA B 21 -18.88 5.84 15.75
CA ALA B 21 -18.84 4.59 16.59
C ALA B 21 -18.01 3.60 15.84
N ASP B 22 -17.15 2.85 16.38
CA ASP B 22 -16.32 1.82 15.64
C ASP B 22 -16.53 0.62 16.55
N PRO B 23 -15.82 -0.49 16.32
CA PRO B 23 -15.97 -1.66 17.20
C PRO B 23 -15.52 -1.44 18.63
N PHE B 24 -14.66 -0.50 19.06
CA PHE B 24 -14.15 -0.36 20.40
C PHE B 24 -14.57 0.94 21.06
N GLY B 25 -15.56 1.65 20.52
CA GLY B 25 -16.01 2.91 21.05
C GLY B 25 -17.27 3.52 20.47
N VAL B 26 -17.78 4.49 21.21
CA VAL B 26 -19.02 5.20 20.86
C VAL B 26 -18.68 6.39 20.02
N ALA B 27 -19.72 7.03 19.53
CA ALA B 27 -19.63 8.22 18.66
C ALA B 27 -18.91 9.34 19.39
N THR B 28 -18.22 10.10 18.52
CA THR B 28 -17.43 11.22 19.09
C THR B 28 -18.04 12.51 18.58
N ARG B 29 -19.02 12.46 17.74
CA ARG B 29 -19.61 13.67 17.16
C ARG B 29 -21.12 13.56 17.28
N ALA B 30 -21.78 14.68 17.24
CA ALA B 30 -23.24 14.82 17.33
C ALA B 30 -23.85 14.42 15.99
N ASN B 31 -25.08 13.97 15.93
CA ASN B 31 -25.72 13.58 14.69
C ASN B 31 -25.76 14.74 13.73
N LEU B 32 -25.61 14.53 12.46
CA LEU B 32 -25.64 15.66 11.52
C LEU B 32 -27.04 15.83 10.92
N ASP B 33 -27.70 16.96 11.01
CA ASP B 33 -29.01 17.10 10.36
C ASP B 33 -28.72 17.07 8.86
N PRO B 34 -29.53 16.32 8.11
CA PRO B 34 -29.44 16.14 6.68
C PRO B 34 -29.75 17.36 5.86
N VAL B 35 -30.53 18.30 6.39
CA VAL B 35 -30.82 19.58 5.66
C VAL B 35 -29.51 20.41 5.71
N GLU B 36 -28.84 20.39 6.85
CA GLU B 36 -27.55 21.02 7.05
C GLU B 36 -26.48 20.42 6.15
N ALA B 37 -26.51 19.06 6.00
CA ALA B 37 -25.64 18.24 5.19
C ALA B 37 -25.80 18.73 3.75
N VAL B 38 -27.04 18.84 3.28
CA VAL B 38 -27.29 19.35 1.95
C VAL B 38 -26.76 20.77 1.73
N HIS B 39 -26.96 21.68 2.65
CA HIS B 39 -26.52 23.06 2.51
C HIS B 39 -25.01 23.11 2.49
N LYS B 40 -24.37 22.40 3.43
CA LYS B 40 -22.91 22.38 3.51
C LYS B 40 -22.24 21.75 2.31
N LEU B 41 -22.73 20.63 1.79
CA LEU B 41 -22.19 19.97 0.61
C LEU B 41 -22.23 20.92 -0.58
N ALA B 42 -23.39 21.55 -0.81
CA ALA B 42 -23.64 22.51 -1.89
C ALA B 42 -22.68 23.70 -1.77
N GLU B 43 -22.36 24.28 -0.61
CA GLU B 43 -21.45 25.37 -0.46
C GLU B 43 -20.05 24.98 -0.91
N LEU B 44 -19.56 23.79 -0.61
CA LEU B 44 -18.28 23.24 -0.99
C LEU B 44 -18.17 22.88 -2.46
N GLY B 45 -19.22 22.82 -3.27
CA GLY B 45 -19.11 22.53 -4.69
C GLY B 45 -19.48 21.15 -5.08
N ALA B 46 -20.15 20.40 -4.20
CA ALA B 46 -20.58 19.04 -4.59
C ALA B 46 -21.67 19.19 -5.61
N TYR B 47 -21.89 18.22 -6.44
CA TYR B 47 -22.92 18.21 -7.44
C TYR B 47 -24.20 17.51 -7.03
N GLY B 48 -24.00 16.54 -6.10
CA GLY B 48 -25.12 15.68 -5.66
C GLY B 48 -24.80 15.02 -4.33
N ILE B 49 -25.82 14.38 -3.77
CA ILE B 49 -25.83 13.68 -2.49
C ILE B 49 -26.56 12.35 -2.77
N THR B 50 -26.14 11.34 -2.04
CA THR B 50 -26.70 9.97 -2.11
C THR B 50 -27.08 9.60 -0.68
N PHE B 51 -27.92 8.60 -0.49
CA PHE B 51 -28.29 8.17 0.88
C PHE B 51 -28.88 6.76 0.84
N HIS B 52 -28.84 6.15 2.01
CA HIS B 52 -29.48 4.87 2.27
C HIS B 52 -30.89 5.28 2.81
N ASP B 53 -31.95 4.52 2.49
CA ASP B 53 -33.31 4.79 2.99
C ASP B 53 -33.30 5.20 4.45
N ASN B 54 -32.73 4.40 5.35
CA ASN B 54 -32.65 4.68 6.78
C ASN B 54 -31.69 5.74 7.19
N ASP B 55 -30.88 6.35 6.31
CA ASP B 55 -30.01 7.47 6.58
C ASP B 55 -30.96 8.67 6.79
N LEU B 56 -31.97 8.77 5.93
CA LEU B 56 -32.92 9.87 5.98
C LEU B 56 -34.15 9.54 6.79
N ILE B 57 -34.80 8.40 6.51
CA ILE B 57 -36.02 8.00 7.22
C ILE B 57 -35.78 6.85 8.17
N PRO B 58 -36.02 7.14 9.44
CA PRO B 58 -35.84 6.12 10.49
C PRO B 58 -36.59 4.89 10.13
N PHE B 59 -36.13 3.73 10.54
CA PHE B 59 -36.68 2.39 10.34
C PHE B 59 -38.08 2.35 10.93
N ASP B 60 -38.37 2.96 12.03
CA ASP B 60 -39.60 3.04 12.77
C ASP B 60 -40.50 4.18 12.35
N ALA B 61 -40.08 5.16 11.61
CA ALA B 61 -40.93 6.26 11.19
C ALA B 61 -42.32 5.87 10.68
N THR B 62 -43.27 6.70 11.10
CA THR B 62 -44.67 6.59 10.63
C THR B 62 -44.71 7.28 9.28
N ALA B 63 -45.74 7.07 8.48
CA ALA B 63 -45.92 7.67 7.17
C ALA B 63 -45.94 9.20 7.22
N ALA B 64 -46.57 9.76 8.21
CA ALA B 64 -46.65 11.17 8.53
C ALA B 64 -45.22 11.72 8.62
N GLU B 65 -44.43 11.07 9.49
CA GLU B 65 -43.03 11.37 9.72
C GLU B 65 -42.21 11.21 8.44
N ARG B 66 -42.43 10.14 7.69
CA ARG B 66 -41.70 9.96 6.41
C ARG B 66 -42.04 11.16 5.54
N GLU B 67 -43.30 11.52 5.28
CA GLU B 67 -43.69 12.71 4.52
C GLU B 67 -43.00 13.99 5.04
N LYS B 68 -43.06 14.25 6.33
CA LYS B 68 -42.41 15.41 6.97
C LYS B 68 -40.92 15.49 6.61
N ILE B 69 -40.17 14.42 6.90
CA ILE B 69 -38.74 14.38 6.58
C ILE B 69 -38.49 14.64 5.09
N LEU B 70 -39.14 13.97 4.18
CA LEU B 70 -38.99 14.13 2.75
C LEU B 70 -39.30 15.49 2.18
N GLY B 71 -40.23 16.24 2.73
CA GLY B 71 -40.60 17.59 2.29
C GLY B 71 -39.48 18.57 2.63
N ASP B 72 -38.89 18.50 3.82
CA ASP B 72 -37.77 19.37 4.19
C ASP B 72 -36.51 18.99 3.35
N PHE B 73 -36.34 17.67 3.16
CA PHE B 73 -35.24 17.18 2.38
C PHE B 73 -35.42 17.67 0.94
N ASN B 74 -36.53 17.48 0.28
CA ASN B 74 -36.72 18.00 -1.07
C ASN B 74 -36.65 19.52 -1.25
N GLN B 75 -36.98 20.31 -0.25
CA GLN B 75 -36.94 21.73 -0.12
C GLN B 75 -35.45 22.15 -0.14
N ALA B 76 -34.65 21.50 0.73
CA ALA B 76 -33.21 21.78 0.78
C ALA B 76 -32.58 21.50 -0.56
N LEU B 77 -32.87 20.41 -1.26
CA LEU B 77 -32.36 20.05 -2.56
C LEU B 77 -32.72 21.14 -3.54
N ALA B 78 -33.98 21.60 -3.47
CA ALA B 78 -34.53 22.68 -4.32
C ALA B 78 -33.77 23.97 -3.99
N ASP B 79 -33.63 24.31 -2.73
CA ASP B 79 -32.88 25.50 -2.35
C ASP B 79 -31.47 25.57 -2.89
N THR B 80 -30.72 24.50 -2.92
CA THR B 80 -29.34 24.38 -3.31
C THR B 80 -29.10 23.88 -4.71
N GLY B 81 -29.98 23.10 -5.31
CA GLY B 81 -29.65 22.61 -6.66
C GLY B 81 -28.90 21.27 -6.62
N LEU B 82 -28.69 20.63 -5.47
CA LEU B 82 -28.04 19.33 -5.49
C LEU B 82 -29.00 18.27 -6.09
N LYS B 83 -28.37 17.42 -6.87
CA LYS B 83 -29.05 16.28 -7.51
C LYS B 83 -28.92 15.18 -6.43
N VAL B 84 -29.62 14.08 -6.68
CA VAL B 84 -29.64 12.84 -5.94
C VAL B 84 -29.44 11.75 -7.00
N PRO B 85 -28.16 11.51 -7.36
CA PRO B 85 -27.87 10.55 -8.45
C PRO B 85 -27.95 9.08 -8.09
N MET B 86 -27.83 8.72 -6.84
CA MET B 86 -27.86 7.25 -6.51
C MET B 86 -28.57 7.17 -5.17
N VAL B 87 -29.31 6.10 -5.02
CA VAL B 87 -30.07 5.78 -3.80
C VAL B 87 -29.72 4.28 -3.52
N THR B 88 -29.65 4.02 -2.23
CA THR B 88 -29.37 2.64 -1.76
C THR B 88 -30.24 2.34 -0.53
N THR B 89 -30.30 1.08 -0.09
CA THR B 89 -31.08 0.53 0.96
C THR B 89 -30.21 -0.04 2.05
N ASN B 90 -30.59 0.20 3.28
CA ASN B 90 -29.81 -0.39 4.41
C ASN B 90 -30.37 -1.81 4.69
N LEU B 91 -29.60 -2.85 4.40
CA LEU B 91 -29.92 -4.24 4.64
C LEU B 91 -28.84 -4.82 5.54
N PHE B 92 -28.36 -4.01 6.49
CA PHE B 92 -27.31 -4.42 7.41
C PHE B 92 -27.37 -3.91 8.81
N SER B 93 -27.96 -2.79 9.18
CA SER B 93 -27.86 -2.38 10.61
C SER B 93 -28.83 -3.01 11.61
N HIS B 94 -30.07 -3.14 11.18
CA HIS B 94 -31.06 -3.69 12.11
C HIS B 94 -30.68 -5.10 12.44
N PRO B 95 -30.85 -5.53 13.70
CA PRO B 95 -30.64 -6.93 14.13
C PRO B 95 -31.30 -7.94 13.26
N VAL B 96 -32.42 -7.80 12.55
CA VAL B 96 -33.11 -8.66 11.67
C VAL B 96 -32.25 -9.11 10.48
N PHE B 97 -31.34 -8.27 10.02
CA PHE B 97 -30.43 -8.57 8.91
C PHE B 97 -29.15 -9.18 9.43
N LYS B 98 -29.00 -9.80 10.61
CA LYS B 98 -27.83 -10.44 11.14
C LYS B 98 -27.34 -11.63 10.29
N ASP B 99 -28.13 -12.26 9.43
CA ASP B 99 -27.64 -13.35 8.57
C ASP B 99 -27.82 -12.91 7.12
N GLY B 100 -28.19 -11.67 6.87
CA GLY B 100 -28.32 -11.20 5.48
C GLY B 100 -29.72 -10.66 5.25
N GLY B 101 -29.86 -10.10 4.13
CA GLY B 101 -31.13 -9.57 3.60
C GLY B 101 -31.54 -10.68 2.59
N PHE B 102 -31.22 -10.55 1.30
CA PHE B 102 -31.52 -11.49 0.26
C PHE B 102 -31.13 -12.94 0.50
N THR B 103 -30.03 -13.23 1.23
CA THR B 103 -29.55 -14.56 1.47
C THR B 103 -29.66 -14.96 2.93
N SER B 104 -30.44 -14.33 3.73
CA SER B 104 -30.66 -14.74 5.11
C SER B 104 -31.10 -16.21 5.12
N ASN B 105 -30.71 -17.04 6.08
CA ASN B 105 -31.23 -18.45 6.05
C ASN B 105 -32.75 -18.49 6.28
N ASP B 106 -33.33 -17.63 7.05
CA ASP B 106 -34.73 -17.42 7.33
C ASP B 106 -35.46 -16.86 6.11
N ARG B 107 -36.44 -17.57 5.59
CA ARG B 107 -37.25 -17.18 4.46
C ARG B 107 -38.07 -15.93 4.65
N SER B 108 -38.61 -15.73 5.88
CA SER B 108 -39.41 -14.54 6.13
C SER B 108 -38.52 -13.32 6.17
N ILE B 109 -37.25 -13.38 6.55
CA ILE B 109 -36.33 -12.21 6.51
C ILE B 109 -36.01 -11.92 5.03
N ARG B 110 -35.83 -12.99 4.22
CA ARG B 110 -35.58 -12.75 2.80
C ARG B 110 -36.70 -11.96 2.18
N ARG B 111 -37.99 -12.26 2.40
CA ARG B 111 -39.16 -11.55 1.90
C ARG B 111 -39.25 -10.11 2.36
N PHE B 112 -38.95 -9.88 3.65
CA PHE B 112 -38.95 -8.56 4.25
C PHE B 112 -37.86 -7.74 3.53
N ALA B 113 -36.64 -8.24 3.41
CA ALA B 113 -35.53 -7.53 2.72
C ALA B 113 -35.81 -7.12 1.28
N LEU B 114 -36.37 -7.99 0.47
CA LEU B 114 -36.79 -7.78 -0.90
C LEU B 114 -37.91 -6.74 -0.93
N ALA B 115 -38.89 -6.75 0.00
CA ALA B 115 -39.97 -5.75 0.03
C ALA B 115 -39.42 -4.38 0.42
N LYS B 116 -38.45 -4.32 1.32
CA LYS B 116 -37.75 -3.12 1.74
C LYS B 116 -37.08 -2.51 0.48
N VAL B 117 -36.41 -3.33 -0.34
CA VAL B 117 -35.73 -2.97 -1.56
C VAL B 117 -36.71 -2.42 -2.60
N LEU B 118 -37.79 -3.17 -2.84
CA LEU B 118 -38.79 -2.75 -3.85
C LEU B 118 -39.39 -1.39 -3.53
N HIS B 119 -39.73 -1.10 -2.29
CA HIS B 119 -40.30 0.16 -1.88
C HIS B 119 -39.31 1.26 -2.10
N ASN B 120 -38.03 1.04 -1.80
CA ASN B 120 -36.90 1.91 -1.96
C ASN B 120 -36.61 2.30 -3.41
N ILE B 121 -36.91 1.46 -4.37
CA ILE B 121 -36.82 1.64 -5.81
C ILE B 121 -37.80 2.72 -6.25
N ASP B 122 -39.00 2.67 -5.64
CA ASP B 122 -40.07 3.64 -5.86
C ASP B 122 -39.54 4.98 -5.38
N LEU B 123 -38.94 5.06 -4.21
CA LEU B 123 -38.36 6.32 -3.74
C LEU B 123 -37.22 6.75 -4.64
N ALA B 124 -36.38 5.84 -5.14
CA ALA B 124 -35.22 6.10 -5.99
C ALA B 124 -35.65 6.84 -7.26
N ALA B 125 -36.67 6.28 -7.90
CA ALA B 125 -37.30 6.81 -9.12
C ALA B 125 -37.88 8.18 -8.83
N GLU B 126 -38.60 8.34 -7.73
CA GLU B 126 -39.18 9.60 -7.29
C GLU B 126 -38.15 10.68 -7.07
N MET B 127 -36.92 10.40 -6.61
CA MET B 127 -35.83 11.34 -6.38
C MET B 127 -35.09 11.65 -7.66
N GLY B 128 -35.25 10.96 -8.72
CA GLY B 128 -34.50 11.19 -9.96
C GLY B 128 -33.14 10.49 -9.97
N ALA B 129 -32.87 9.50 -9.18
CA ALA B 129 -31.60 8.75 -9.14
C ALA B 129 -31.54 7.99 -10.45
N GLU B 130 -30.39 7.79 -11.02
CA GLU B 130 -30.15 7.04 -12.26
C GLU B 130 -29.64 5.64 -11.87
N THR B 131 -29.07 5.54 -10.65
CA THR B 131 -28.47 4.34 -10.12
C THR B 131 -29.01 3.92 -8.74
N PHE B 132 -29.22 2.64 -8.62
CA PHE B 132 -29.70 2.01 -7.35
C PHE B 132 -28.59 1.02 -6.94
N VAL B 133 -27.89 1.29 -5.89
CA VAL B 133 -26.77 0.44 -5.46
C VAL B 133 -27.26 -0.58 -4.39
N MET B 134 -26.63 -1.75 -4.51
CA MET B 134 -26.84 -2.86 -3.60
C MET B 134 -25.50 -3.32 -2.99
N TRP B 135 -25.32 -3.05 -1.72
CA TRP B 135 -24.11 -3.59 -1.05
C TRP B 135 -24.64 -4.72 -0.16
N GLY B 136 -24.40 -5.98 -0.38
CA GLY B 136 -24.79 -7.15 0.40
C GLY B 136 -23.79 -7.38 1.49
N GLY B 137 -23.72 -6.48 2.41
CA GLY B 137 -22.86 -6.39 3.54
C GLY B 137 -23.08 -7.53 4.50
N ARG B 138 -24.26 -8.07 4.67
CA ARG B 138 -24.36 -9.19 5.62
C ARG B 138 -24.53 -10.48 4.83
N GLU B 139 -24.44 -10.49 3.53
CA GLU B 139 -24.60 -11.75 2.75
C GLU B 139 -23.28 -12.51 2.84
N GLY B 140 -23.23 -13.58 3.65
CA GLY B 140 -21.96 -14.35 3.77
C GLY B 140 -22.02 -15.24 5.00
N SER B 141 -20.85 -15.53 5.57
CA SER B 141 -20.73 -16.43 6.74
C SER B 141 -19.43 -16.25 7.50
N GLU B 142 -19.38 -16.78 8.71
CA GLU B 142 -18.16 -16.77 9.51
C GLU B 142 -17.54 -18.13 9.38
N TYR B 143 -18.42 -19.14 9.20
CA TYR B 143 -18.12 -20.57 9.19
C TYR B 143 -18.52 -21.15 7.87
N ASP B 144 -17.74 -22.12 7.37
CA ASP B 144 -18.06 -22.70 6.02
C ASP B 144 -19.30 -23.54 5.99
N GLY B 145 -19.75 -24.15 7.09
CA GLY B 145 -21.03 -24.95 6.88
C GLY B 145 -22.30 -24.28 7.20
N SER B 146 -22.33 -22.96 7.38
CA SER B 146 -23.49 -22.16 7.72
C SER B 146 -24.50 -22.03 6.62
N LYS B 147 -24.07 -22.22 5.35
CA LYS B 147 -24.87 -22.05 4.18
C LYS B 147 -24.71 -23.11 3.11
N ASP B 148 -25.71 -23.25 2.28
CA ASP B 148 -25.56 -24.12 1.11
C ASP B 148 -25.07 -23.00 0.14
N LEU B 149 -23.86 -23.07 -0.32
CA LEU B 149 -23.28 -22.05 -1.21
C LEU B 149 -23.99 -21.88 -2.53
N ALA B 150 -24.57 -22.89 -3.17
CA ALA B 150 -25.33 -22.84 -4.39
C ALA B 150 -26.69 -22.21 -4.08
N ALA B 151 -27.38 -22.54 -2.99
CA ALA B 151 -28.68 -21.91 -2.67
C ALA B 151 -28.55 -20.43 -2.40
N ALA B 152 -27.44 -19.98 -1.74
CA ALA B 152 -27.13 -18.59 -1.44
C ALA B 152 -27.07 -17.79 -2.72
N LEU B 153 -26.42 -18.31 -3.78
CA LEU B 153 -26.31 -17.70 -5.11
C LEU B 153 -27.67 -17.72 -5.75
N ASP B 154 -28.48 -18.77 -5.65
CA ASP B 154 -29.87 -18.76 -6.18
C ASP B 154 -30.68 -17.67 -5.49
N ARG B 155 -30.61 -17.57 -4.15
CA ARG B 155 -31.36 -16.51 -3.44
C ARG B 155 -30.85 -15.13 -3.78
N MET B 156 -29.53 -14.90 -4.00
CA MET B 156 -29.02 -13.58 -4.39
C MET B 156 -29.61 -13.24 -5.75
N ARG B 157 -29.57 -14.15 -6.71
CA ARG B 157 -30.12 -13.92 -8.04
C ARG B 157 -31.60 -13.63 -8.06
N GLU B 158 -32.38 -14.35 -7.23
CA GLU B 158 -33.85 -14.15 -7.15
C GLU B 158 -34.13 -12.73 -6.73
N GLY B 159 -33.44 -12.26 -5.70
CA GLY B 159 -33.56 -10.94 -5.18
C GLY B 159 -33.20 -9.94 -6.23
N VAL B 160 -32.04 -10.00 -6.88
CA VAL B 160 -31.60 -8.96 -7.86
C VAL B 160 -32.46 -8.98 -9.12
N ASP B 161 -32.91 -10.14 -9.59
CA ASP B 161 -33.74 -10.31 -10.79
C ASP B 161 -35.17 -9.85 -10.49
N THR B 162 -35.66 -10.02 -9.26
CA THR B 162 -36.99 -9.50 -8.96
C THR B 162 -36.91 -8.00 -8.99
N ALA B 163 -35.99 -7.36 -8.31
CA ALA B 163 -35.82 -5.91 -8.36
C ALA B 163 -35.63 -5.36 -9.78
N ALA B 164 -34.92 -5.98 -10.67
CA ALA B 164 -34.61 -5.61 -12.04
C ALA B 164 -35.85 -5.70 -12.91
N GLY B 165 -36.65 -6.77 -12.75
CA GLY B 165 -37.89 -6.95 -13.49
C GLY B 165 -38.91 -5.90 -13.09
N TYR B 166 -38.92 -5.49 -11.82
CA TYR B 166 -39.78 -4.48 -11.26
C TYR B 166 -39.36 -3.15 -11.89
N ILE B 167 -38.06 -2.81 -11.97
CA ILE B 167 -37.68 -1.55 -12.66
C ILE B 167 -38.23 -1.52 -14.09
N LYS B 168 -37.94 -2.59 -14.82
CA LYS B 168 -38.35 -2.82 -16.19
C LYS B 168 -39.87 -2.73 -16.23
N ASP B 169 -40.64 -3.42 -15.44
CA ASP B 169 -42.08 -3.34 -15.40
C ASP B 169 -42.61 -1.95 -15.17
N LYS B 170 -42.07 -1.11 -14.32
CA LYS B 170 -42.55 0.21 -14.03
C LYS B 170 -41.99 1.28 -14.95
N GLY B 171 -41.03 0.87 -15.76
CA GLY B 171 -40.29 1.67 -16.70
C GLY B 171 -39.49 2.78 -15.99
N TYR B 172 -38.81 2.45 -14.91
CA TYR B 172 -38.00 3.51 -14.25
C TYR B 172 -36.72 3.58 -15.05
N ASN B 173 -36.10 4.74 -15.10
CA ASN B 173 -34.80 4.93 -15.77
C ASN B 173 -33.80 4.77 -14.63
N LEU B 174 -33.52 3.54 -14.22
CA LEU B 174 -32.66 3.11 -13.18
C LEU B 174 -31.90 1.84 -13.60
N ARG B 175 -30.68 1.79 -13.14
CA ARG B 175 -29.78 0.64 -13.29
C ARG B 175 -29.38 0.19 -11.89
N ILE B 176 -29.21 -1.12 -11.75
CA ILE B 176 -28.74 -1.65 -10.44
C ILE B 176 -27.18 -1.82 -10.53
N ALA B 177 -26.51 -1.44 -9.47
CA ALA B 177 -25.07 -1.60 -9.39
C ALA B 177 -24.75 -2.42 -8.15
N LEU B 178 -24.13 -3.57 -8.25
CA LEU B 178 -23.72 -4.36 -7.08
C LEU B 178 -22.33 -3.93 -6.60
N GLU B 179 -22.19 -3.89 -5.29
CA GLU B 179 -20.97 -3.53 -4.63
C GLU B 179 -20.37 -4.68 -3.81
N PRO B 180 -19.28 -5.20 -4.40
CA PRO B 180 -18.47 -6.28 -3.82
C PRO B 180 -17.64 -5.77 -2.65
N LYS B 181 -17.46 -6.70 -1.68
CA LYS B 181 -16.62 -6.45 -0.47
C LYS B 181 -16.19 -7.84 -0.05
N PRO B 182 -14.90 -8.05 0.23
CA PRO B 182 -14.40 -9.37 0.57
C PRO B 182 -14.81 -9.86 1.95
N ASN B 183 -14.86 -8.97 2.93
CA ASN B 183 -15.23 -9.28 4.28
C ASN B 183 -15.55 -7.96 4.98
N GLU B 184 -16.02 -8.13 6.23
CA GLU B 184 -16.38 -7.03 7.14
C GLU B 184 -17.69 -6.36 6.76
N PRO B 185 -18.82 -6.61 7.46
CA PRO B 185 -18.92 -7.34 8.69
C PRO B 185 -19.00 -8.84 8.75
N ARG B 186 -19.21 -9.55 7.68
CA ARG B 186 -19.18 -11.01 7.66
C ARG B 186 -17.72 -11.45 7.54
N GLY B 187 -17.43 -12.68 8.06
CA GLY B 187 -16.04 -13.19 7.94
C GLY B 187 -15.72 -13.30 6.44
N ASP B 188 -16.60 -13.74 5.57
CA ASP B 188 -16.51 -13.92 4.15
C ASP B 188 -17.83 -13.35 3.55
N ILE B 189 -17.77 -12.41 2.64
CA ILE B 189 -18.96 -11.87 2.01
C ILE B 189 -19.10 -12.52 0.62
N PHE B 190 -20.31 -12.83 0.15
CA PHE B 190 -20.51 -13.44 -1.14
C PHE B 190 -20.21 -12.40 -2.20
N LEU B 191 -19.71 -12.76 -3.39
CA LEU B 191 -19.33 -11.77 -4.43
C LEU B 191 -18.27 -10.84 -3.81
N PRO B 192 -17.14 -11.42 -3.38
CA PRO B 192 -16.09 -10.67 -2.66
C PRO B 192 -15.33 -9.67 -3.47
N THR B 193 -15.15 -9.75 -4.77
CA THR B 193 -14.34 -8.80 -5.54
C THR B 193 -15.06 -8.41 -6.81
N VAL B 194 -14.43 -7.45 -7.54
CA VAL B 194 -15.00 -7.05 -8.86
C VAL B 194 -15.26 -8.27 -9.72
N GLY B 195 -14.31 -9.20 -9.88
CA GLY B 195 -14.53 -10.37 -10.74
C GLY B 195 -15.74 -11.17 -10.40
N HIS B 196 -15.94 -11.50 -9.09
CA HIS B 196 -17.10 -12.28 -8.63
C HIS B 196 -18.38 -11.58 -8.93
N GLY B 197 -18.44 -10.26 -8.69
CA GLY B 197 -19.65 -9.45 -9.04
C GLY B 197 -19.94 -9.51 -10.53
N LEU B 198 -19.00 -9.35 -11.45
CA LEU B 198 -19.12 -9.39 -12.89
C LEU B 198 -19.61 -10.75 -13.40
N ALA B 199 -19.02 -11.81 -12.84
CA ALA B 199 -19.35 -13.19 -13.18
C ALA B 199 -20.81 -13.45 -12.83
N PHE B 200 -21.22 -13.13 -11.63
CA PHE B 200 -22.57 -13.26 -11.09
C PHE B 200 -23.61 -12.61 -11.97
N ILE B 201 -23.38 -11.36 -12.42
CA ILE B 201 -24.28 -10.64 -13.31
C ILE B 201 -24.58 -11.42 -14.58
N GLU B 202 -23.74 -12.20 -15.20
CA GLU B 202 -23.90 -12.98 -16.37
C GLU B 202 -24.78 -14.19 -16.21
N GLN B 203 -25.34 -14.56 -15.13
CA GLN B 203 -26.23 -15.62 -14.77
C GLN B 203 -27.61 -15.08 -14.44
N LEU B 204 -27.80 -13.80 -14.44
CA LEU B 204 -29.04 -13.14 -14.13
C LEU B 204 -29.85 -13.16 -15.42
N GLU B 205 -31.14 -13.10 -15.19
CA GLU B 205 -32.10 -13.06 -16.29
C GLU B 205 -32.16 -11.62 -16.79
N HIS B 206 -32.17 -10.63 -15.87
CA HIS B 206 -32.21 -9.22 -16.28
C HIS B 206 -30.87 -8.57 -16.20
N GLY B 207 -29.80 -9.19 -16.59
CA GLY B 207 -28.44 -8.74 -16.59
C GLY B 207 -28.03 -7.45 -17.21
N ASP B 208 -28.77 -7.01 -18.22
CA ASP B 208 -28.67 -5.87 -19.08
C ASP B 208 -28.73 -4.56 -18.34
N ILE B 209 -29.48 -4.51 -17.25
CA ILE B 209 -29.57 -3.33 -16.41
C ILE B 209 -28.83 -3.50 -15.10
N VAL B 210 -27.92 -4.47 -14.96
CA VAL B 210 -27.16 -4.72 -13.71
C VAL B 210 -25.67 -4.57 -13.99
N GLY B 211 -24.99 -3.77 -13.19
CA GLY B 211 -23.56 -3.49 -13.41
C GLY B 211 -22.89 -3.43 -12.05
N LEU B 212 -21.75 -2.84 -11.90
CA LEU B 212 -21.05 -2.81 -10.61
C LEU B 212 -20.83 -1.40 -10.05
N ASN B 213 -20.48 -1.39 -8.76
CA ASN B 213 -20.14 -0.19 -8.00
C ASN B 213 -18.88 -0.59 -7.16
N PRO B 214 -17.71 -0.66 -7.84
CA PRO B 214 -16.47 -1.04 -7.15
C PRO B 214 -16.07 0.00 -6.15
N GLU B 215 -15.40 -0.38 -5.06
CA GLU B 215 -14.98 0.58 -4.05
C GLU B 215 -13.49 0.33 -3.84
N THR B 216 -12.69 1.42 -3.91
CA THR B 216 -11.25 1.42 -3.78
C THR B 216 -10.74 0.53 -2.68
N GLY B 217 -11.08 0.75 -1.42
CA GLY B 217 -10.71 0.07 -0.23
C GLY B 217 -11.13 -1.39 -0.19
N HIS B 218 -12.26 -1.69 -0.83
CA HIS B 218 -12.72 -3.09 -0.86
C HIS B 218 -11.81 -3.91 -1.69
N GLU B 219 -11.40 -3.54 -2.91
CA GLU B 219 -10.47 -4.42 -3.64
C GLU B 219 -9.16 -4.47 -2.98
N GLN B 220 -8.65 -3.42 -2.33
CA GLN B 220 -7.39 -3.36 -1.58
C GLN B 220 -7.39 -4.20 -0.31
N MET B 221 -8.53 -4.58 0.28
CA MET B 221 -8.69 -5.52 1.40
C MET B 221 -8.38 -6.93 0.88
N ALA B 222 -8.38 -7.28 -0.40
CA ALA B 222 -7.98 -8.57 -0.91
C ALA B 222 -6.59 -8.47 -1.54
N GLY B 223 -5.92 -7.34 -1.47
CA GLY B 223 -4.59 -6.97 -1.99
C GLY B 223 -4.58 -6.86 -3.51
N LEU B 224 -5.74 -6.57 -4.10
CA LEU B 224 -5.91 -6.48 -5.54
C LEU B 224 -5.56 -5.07 -6.02
N ASN B 225 -5.30 -5.00 -7.34
CA ASN B 225 -4.97 -3.73 -7.97
C ASN B 225 -6.28 -3.10 -8.41
N PHE B 226 -6.63 -2.00 -7.76
CA PHE B 226 -7.92 -1.34 -8.06
C PHE B 226 -8.05 -0.88 -9.48
N THR B 227 -7.02 -0.35 -10.12
CA THR B 227 -7.03 0.09 -11.52
C THR B 227 -7.20 -1.07 -12.45
N HIS B 228 -6.52 -2.18 -12.16
CA HIS B 228 -6.76 -3.39 -12.97
C HIS B 228 -8.20 -3.87 -12.87
N GLY B 229 -8.82 -3.91 -11.70
CA GLY B 229 -10.20 -4.35 -11.44
C GLY B 229 -11.22 -3.50 -12.12
N ILE B 230 -11.14 -2.19 -11.95
CA ILE B 230 -12.08 -1.24 -12.64
C ILE B 230 -11.84 -1.23 -14.12
N ALA B 231 -10.61 -1.43 -14.63
CA ALA B 231 -10.30 -1.58 -16.03
C ALA B 231 -11.15 -2.73 -16.62
N GLN B 232 -11.19 -3.90 -15.98
CA GLN B 232 -11.97 -5.08 -16.36
C GLN B 232 -13.47 -4.82 -16.33
N ALA B 233 -13.95 -4.08 -15.34
CA ALA B 233 -15.38 -3.70 -15.29
C ALA B 233 -15.69 -2.82 -16.47
N LEU B 234 -14.84 -1.81 -16.77
CA LEU B 234 -15.00 -0.86 -17.91
C LEU B 234 -14.95 -1.52 -19.27
N TRP B 235 -14.00 -2.44 -19.45
CA TRP B 235 -13.82 -3.26 -20.63
C TRP B 235 -15.11 -4.01 -20.98
N ALA B 236 -15.83 -4.53 -19.98
CA ALA B 236 -17.05 -5.25 -20.07
C ALA B 236 -18.23 -4.29 -20.11
N GLU B 237 -18.07 -3.03 -19.85
CA GLU B 237 -19.03 -1.97 -19.80
C GLU B 237 -20.08 -2.20 -18.76
N LYS B 238 -19.50 -2.47 -17.56
CA LYS B 238 -20.31 -2.75 -16.38
C LYS B 238 -19.91 -1.80 -15.31
N LEU B 239 -19.10 -0.79 -15.58
CA LEU B 239 -18.70 0.20 -14.55
C LEU B 239 -19.82 1.24 -14.50
N PHE B 240 -20.88 1.05 -13.73
CA PHE B 240 -22.00 1.97 -13.66
C PHE B 240 -21.84 3.02 -12.59
N HIS B 241 -21.02 2.79 -11.57
CA HIS B 241 -20.92 3.89 -10.56
C HIS B 241 -19.59 3.58 -9.93
N ILE B 242 -19.03 4.46 -9.09
CA ILE B 242 -17.75 4.11 -8.43
C ILE B 242 -17.71 4.74 -7.04
N ASP B 243 -17.09 4.06 -6.06
CA ASP B 243 -16.97 4.60 -4.71
C ASP B 243 -15.46 4.83 -4.51
N LEU B 244 -14.97 6.04 -4.24
CA LEU B 244 -13.59 6.44 -4.06
C LEU B 244 -13.25 6.76 -2.63
N ASN B 245 -12.15 6.18 -2.15
CA ASN B 245 -11.71 6.42 -0.75
C ASN B 245 -10.28 5.88 -0.67
N GLY B 246 -9.75 5.78 0.51
CA GLY B 246 -8.41 5.31 0.78
C GLY B 246 -8.39 4.14 1.80
N GLN B 247 -7.37 3.33 1.61
CA GLN B 247 -7.10 2.14 2.43
C GLN B 247 -5.61 1.99 2.57
N ARG B 248 -5.07 1.81 3.73
CA ARG B 248 -3.63 1.58 3.81
C ARG B 248 -3.42 0.10 4.01
N GLY B 249 -3.54 -0.84 3.08
CA GLY B 249 -3.26 -2.24 3.37
C GLY B 249 -4.41 -3.11 3.71
N ILE B 250 -4.08 -4.39 3.87
CA ILE B 250 -5.10 -5.46 4.19
C ILE B 250 -5.31 -5.42 5.69
N LYS B 251 -6.49 -4.96 6.05
CA LYS B 251 -6.91 -4.81 7.46
C LYS B 251 -8.36 -4.41 7.35
N TYR B 252 -8.96 -3.98 8.42
CA TYR B 252 -10.34 -3.49 8.47
C TYR B 252 -10.52 -2.39 7.46
N ASP B 253 -11.74 -2.20 6.96
CA ASP B 253 -11.99 -1.10 5.97
C ASP B 253 -11.84 0.24 6.71
N GLN B 254 -10.86 1.01 6.26
CA GLN B 254 -10.54 2.33 6.90
C GLN B 254 -11.40 3.46 6.41
N ASP B 255 -11.74 3.47 5.13
CA ASP B 255 -12.58 4.51 4.50
C ASP B 255 -11.96 5.91 4.64
N LEU B 256 -10.68 6.03 4.32
CA LEU B 256 -10.00 7.33 4.45
C LEU B 256 -10.40 8.16 3.23
N VAL B 257 -9.88 9.41 3.28
CA VAL B 257 -10.13 10.28 2.08
C VAL B 257 -9.41 9.66 0.88
N PHE B 258 -9.99 9.85 -0.29
CA PHE B 258 -9.39 9.38 -1.55
C PHE B 258 -8.00 10.02 -1.63
N GLY B 259 -6.96 9.26 -1.83
CA GLY B 259 -5.60 9.83 -1.88
C GLY B 259 -4.86 9.72 -0.60
N HIS B 260 -5.50 9.37 0.53
CA HIS B 260 -4.85 9.20 1.83
C HIS B 260 -4.49 7.75 2.12
N GLY B 261 -4.67 6.87 1.19
CA GLY B 261 -4.34 5.45 1.16
C GLY B 261 -3.14 5.24 0.21
N ASP B 262 -3.27 4.37 -0.76
CA ASP B 262 -2.24 4.06 -1.76
C ASP B 262 -2.25 5.18 -2.82
N LEU B 263 -1.36 6.16 -2.66
CA LEU B 263 -1.29 7.35 -3.56
C LEU B 263 -1.00 7.08 -4.99
N THR B 264 0.07 6.30 -5.25
CA THR B 264 0.37 5.96 -6.66
C THR B 264 -0.79 5.25 -7.29
N SER B 265 -1.43 4.28 -6.62
CA SER B 265 -2.63 3.63 -7.23
C SER B 265 -3.76 4.60 -7.46
N ALA B 266 -4.02 5.55 -6.56
CA ALA B 266 -5.02 6.65 -6.71
C ALA B 266 -4.67 7.46 -7.97
N PHE B 267 -3.39 7.81 -8.20
CA PHE B 267 -2.97 8.49 -9.44
C PHE B 267 -3.41 7.78 -10.69
N PHE B 268 -3.14 6.49 -10.87
CA PHE B 268 -3.52 5.66 -12.01
C PHE B 268 -4.99 5.40 -12.13
N THR B 269 -5.75 5.45 -11.05
CA THR B 269 -7.21 5.32 -11.04
C THR B 269 -7.80 6.58 -11.71
N VAL B 270 -7.29 7.74 -11.26
CA VAL B 270 -7.66 9.06 -11.79
C VAL B 270 -7.32 9.11 -13.30
N ASP B 271 -6.15 8.66 -13.73
CA ASP B 271 -5.77 8.57 -15.13
C ASP B 271 -6.79 7.73 -15.90
N LEU B 272 -7.18 6.55 -15.44
CA LEU B 272 -8.18 5.75 -16.14
C LEU B 272 -9.54 6.47 -16.13
N LEU B 273 -10.01 7.09 -15.04
CA LEU B 273 -11.32 7.71 -15.06
C LEU B 273 -11.34 8.94 -15.99
N GLU B 274 -10.35 9.78 -15.90
CA GLU B 274 -10.19 10.95 -16.71
C GLU B 274 -9.70 10.74 -18.11
N ASN B 275 -8.62 10.08 -18.40
CA ASN B 275 -7.99 9.83 -19.66
C ASN B 275 -8.43 8.52 -20.31
N GLY B 276 -8.92 7.52 -19.58
CA GLY B 276 -9.31 6.32 -20.38
C GLY B 276 -8.13 5.44 -20.70
N PHE B 277 -8.14 4.80 -21.83
CA PHE B 277 -7.09 3.87 -22.31
C PHE B 277 -6.24 4.47 -23.41
N PRO B 278 -4.90 4.27 -23.33
CA PRO B 278 -3.89 4.74 -24.29
C PRO B 278 -4.17 4.50 -25.75
N ASN B 279 -4.77 3.39 -26.17
CA ASN B 279 -5.11 3.03 -27.51
C ASN B 279 -6.57 3.32 -27.73
N GLY B 280 -7.32 3.84 -26.79
CA GLY B 280 -8.75 4.11 -27.07
C GLY B 280 -9.62 2.95 -26.59
N GLY B 281 -10.86 3.24 -26.30
CA GLY B 281 -11.85 2.29 -25.85
C GLY B 281 -12.88 3.01 -25.01
N PRO B 282 -13.50 2.24 -24.11
CA PRO B 282 -14.52 2.76 -23.20
C PRO B 282 -13.96 3.80 -22.25
N LYS B 283 -14.82 4.62 -21.69
CA LYS B 283 -14.61 5.69 -20.78
C LYS B 283 -15.77 5.68 -19.79
N TYR B 284 -15.53 5.98 -18.57
CA TYR B 284 -16.51 6.07 -17.51
C TYR B 284 -16.95 7.54 -17.45
N THR B 285 -18.22 7.76 -17.53
CA THR B 285 -18.72 9.16 -17.51
C THR B 285 -19.66 9.44 -16.38
N GLY B 286 -19.83 8.54 -15.42
CA GLY B 286 -20.73 8.75 -14.29
C GLY B 286 -20.18 9.67 -13.26
N PRO B 287 -20.87 9.75 -12.11
CA PRO B 287 -20.43 10.59 -11.01
C PRO B 287 -19.24 9.93 -10.31
N ARG B 288 -18.47 10.82 -9.68
CA ARG B 288 -17.30 10.52 -8.90
C ARG B 288 -17.77 10.67 -7.45
N HIS B 289 -18.18 9.55 -6.91
CA HIS B 289 -18.70 9.44 -5.53
C HIS B 289 -17.67 9.00 -4.52
N PHE B 290 -17.66 9.73 -3.39
CA PHE B 290 -16.80 9.53 -2.26
C PHE B 290 -17.55 8.79 -1.14
N ASP B 291 -17.11 7.58 -0.90
CA ASP B 291 -17.64 6.70 0.18
C ASP B 291 -16.49 6.50 1.19
N TYR B 292 -16.39 7.41 2.09
CA TYR B 292 -15.39 7.51 3.14
C TYR B 292 -16.03 7.94 4.45
N LYS B 293 -15.23 7.98 5.52
CA LYS B 293 -15.64 8.39 6.83
C LYS B 293 -14.57 9.28 7.45
N PRO B 294 -14.97 10.46 7.93
CA PRO B 294 -14.06 11.37 8.59
C PRO B 294 -13.57 10.74 9.89
N SER B 295 -12.28 10.61 10.10
CA SER B 295 -11.68 10.06 11.29
C SER B 295 -12.27 10.63 12.57
N ARG B 296 -12.59 9.74 13.52
CA ARG B 296 -13.24 9.98 14.79
C ARG B 296 -12.51 10.89 15.76
N THR B 297 -11.20 11.09 15.61
CA THR B 297 -10.40 11.99 16.40
C THR B 297 -10.68 13.46 16.10
N ASP B 298 -11.33 13.84 15.00
CA ASP B 298 -11.59 15.16 14.53
C ASP B 298 -13.05 15.59 14.72
N GLY B 299 -13.21 16.88 14.94
CA GLY B 299 -14.54 17.48 15.14
C GLY B 299 -15.13 17.81 13.82
N TYR B 300 -16.23 18.55 13.77
CA TYR B 300 -16.93 18.95 12.55
C TYR B 300 -16.17 19.82 11.60
N ASP B 301 -15.18 20.58 12.06
CA ASP B 301 -14.27 21.36 11.19
C ASP B 301 -13.48 20.40 10.30
N GLY B 302 -13.03 19.30 10.84
CA GLY B 302 -12.34 18.15 10.26
C GLY B 302 -13.29 17.44 9.27
N VAL B 303 -14.55 17.32 9.65
CA VAL B 303 -15.59 16.72 8.76
C VAL B 303 -15.61 17.52 7.47
N TRP B 304 -15.81 18.82 7.44
CA TRP B 304 -15.86 19.65 6.23
C TRP B 304 -14.47 19.77 5.62
N ASP B 305 -13.40 19.75 6.43
CA ASP B 305 -12.02 19.73 5.89
C ASP B 305 -11.82 18.49 4.99
N SER B 306 -12.25 17.35 5.54
CA SER B 306 -12.18 16.02 4.95
C SER B 306 -12.98 15.92 3.70
N ALA B 307 -14.18 16.45 3.57
CA ALA B 307 -15.03 16.46 2.36
C ALA B 307 -14.35 17.31 1.26
N LYS B 308 -13.75 18.43 1.66
CA LYS B 308 -13.00 19.36 0.79
C LYS B 308 -11.80 18.67 0.15
N ALA B 309 -11.05 17.98 1.04
CA ALA B 309 -9.87 17.18 0.79
C ALA B 309 -10.07 16.11 -0.23
N ASN B 310 -11.19 15.41 -0.28
CA ASN B 310 -11.49 14.41 -1.27
C ASN B 310 -11.47 15.07 -2.66
N MET B 311 -12.16 16.21 -2.81
CA MET B 311 -12.28 17.01 -4.05
C MET B 311 -10.91 17.57 -4.41
N SER B 312 -10.13 18.13 -3.49
CA SER B 312 -8.79 18.64 -3.75
C SER B 312 -7.90 17.54 -4.33
N MET B 313 -7.75 16.42 -3.65
CA MET B 313 -6.99 15.24 -4.03
C MET B 313 -7.35 14.80 -5.42
N TYR B 314 -8.60 14.56 -5.75
CA TYR B 314 -9.02 14.19 -7.11
C TYR B 314 -8.59 15.25 -8.13
N LEU B 315 -8.75 16.57 -7.86
CA LEU B 315 -8.37 17.59 -8.87
C LEU B 315 -6.85 17.67 -8.92
N LEU B 316 -6.09 17.54 -7.87
CA LEU B 316 -4.64 17.54 -7.96
C LEU B 316 -4.10 16.40 -8.79
N LEU B 317 -4.64 15.19 -8.57
CA LEU B 317 -4.26 14.01 -9.32
C LEU B 317 -4.68 14.17 -10.76
N LYS B 318 -5.83 14.67 -11.06
CA LYS B 318 -6.36 14.89 -12.41
C LYS B 318 -5.45 15.72 -13.33
N GLU B 319 -4.95 16.81 -12.78
CA GLU B 319 -4.01 17.78 -13.22
C GLU B 319 -2.68 17.12 -13.57
N ARG B 320 -2.07 16.43 -12.60
CA ARG B 320 -0.83 15.68 -12.81
C ARG B 320 -1.03 14.56 -13.79
N ALA B 321 -2.15 13.86 -13.90
CA ALA B 321 -2.43 12.80 -14.84
C ALA B 321 -2.57 13.38 -16.25
N LEU B 322 -3.12 14.59 -16.40
CA LEU B 322 -3.24 15.25 -17.74
C LEU B 322 -1.84 15.69 -18.18
N ALA B 323 -1.08 16.32 -17.33
CA ALA B 323 0.30 16.72 -17.62
C ALA B 323 1.14 15.54 -18.05
N PHE B 324 1.07 14.42 -17.35
CA PHE B 324 1.73 13.14 -17.58
C PHE B 324 1.49 12.56 -18.96
N ARG B 325 0.23 12.44 -19.32
CA ARG B 325 -0.07 11.87 -20.64
C ARG B 325 0.22 12.78 -21.81
N ALA B 326 0.17 14.09 -21.59
CA ALA B 326 0.44 15.14 -22.55
C ALA B 326 1.94 15.27 -22.85
N ASP B 327 2.80 14.89 -21.94
CA ASP B 327 4.22 14.94 -22.05
C ASP B 327 4.78 14.04 -23.12
N PRO B 328 5.47 14.72 -24.07
CA PRO B 328 6.14 14.11 -25.22
C PRO B 328 7.21 13.12 -24.77
N GLU B 329 7.94 13.32 -23.72
CA GLU B 329 8.91 12.35 -23.20
C GLU B 329 8.13 11.07 -22.76
N VAL B 330 6.96 11.19 -22.11
CA VAL B 330 6.13 10.07 -21.67
C VAL B 330 5.57 9.30 -22.89
N GLN B 331 5.06 10.04 -23.85
CA GLN B 331 4.55 9.43 -25.07
C GLN B 331 5.62 8.61 -25.78
N GLU B 332 6.86 9.07 -25.88
CA GLU B 332 7.97 8.31 -26.46
C GLU B 332 8.35 7.12 -25.56
N ALA B 333 8.34 7.26 -24.20
CA ALA B 333 8.63 6.20 -23.26
C ALA B 333 7.61 5.07 -23.45
N MET B 334 6.30 5.35 -23.62
CA MET B 334 5.21 4.45 -23.85
C MET B 334 5.38 3.68 -25.14
N LYS B 335 5.87 4.41 -26.14
CA LYS B 335 6.14 3.87 -27.48
C LYS B 335 7.26 2.87 -27.34
N THR B 336 8.41 3.22 -26.69
CA THR B 336 9.50 2.24 -26.49
C THR B 336 9.09 0.95 -25.77
N SER B 337 8.28 1.05 -24.70
CA SER B 337 7.76 -0.01 -23.87
C SER B 337 6.67 -0.85 -24.55
N GLY B 338 6.19 -0.48 -25.71
CA GLY B 338 5.21 -1.23 -26.42
C GLY B 338 3.80 -1.05 -25.97
N VAL B 339 3.41 0.05 -25.32
CA VAL B 339 2.03 0.30 -24.90
C VAL B 339 1.10 0.37 -26.07
N PHE B 340 1.51 1.03 -27.16
CA PHE B 340 0.68 1.15 -28.39
C PHE B 340 0.80 -0.15 -29.08
N GLU B 341 1.91 -0.85 -29.11
CA GLU B 341 2.06 -2.18 -29.77
C GLU B 341 1.10 -3.22 -29.27
N LEU B 342 0.71 -3.22 -27.98
CA LEU B 342 -0.30 -4.11 -27.39
C LEU B 342 -1.66 -3.94 -28.00
N GLY B 343 -2.03 -2.80 -28.55
CA GLY B 343 -3.22 -2.43 -29.23
C GLY B 343 -3.32 -3.04 -30.61
N GLU B 344 -2.26 -3.53 -31.22
CA GLU B 344 -2.36 -4.17 -32.54
C GLU B 344 -2.81 -5.62 -32.36
N THR B 345 -3.63 -6.09 -33.27
CA THR B 345 -4.02 -7.49 -33.14
C THR B 345 -2.83 -8.41 -33.31
N THR B 346 -2.85 -9.57 -32.63
CA THR B 346 -1.81 -10.58 -32.76
C THR B 346 -1.84 -11.18 -34.17
N LEU B 347 -3.04 -11.49 -34.65
CA LEU B 347 -3.20 -12.11 -35.97
C LEU B 347 -3.38 -11.01 -37.02
N ASN B 348 -2.95 -11.30 -38.22
CA ASN B 348 -3.13 -10.40 -39.39
C ASN B 348 -4.58 -10.54 -39.86
N ALA B 349 -5.09 -9.49 -40.48
CA ALA B 349 -6.51 -9.48 -40.98
C ALA B 349 -6.71 -10.74 -41.79
N GLY B 350 -7.68 -11.55 -41.52
CA GLY B 350 -7.91 -12.80 -42.18
C GLY B 350 -6.94 -13.90 -41.93
N GLU B 351 -6.02 -13.83 -40.98
CA GLU B 351 -5.09 -14.96 -40.78
C GLU B 351 -5.84 -15.91 -39.85
N SER B 352 -5.80 -17.19 -40.12
CA SER B 352 -6.46 -18.18 -39.29
C SER B 352 -5.37 -18.77 -38.39
N ALA B 353 -5.89 -19.56 -37.47
CA ALA B 353 -5.07 -20.35 -36.53
C ALA B 353 -4.19 -21.23 -37.40
N ALA B 354 -4.80 -21.98 -38.35
CA ALA B 354 -4.06 -22.85 -39.28
C ALA B 354 -2.95 -22.01 -39.91
N ASP B 355 -3.30 -20.88 -40.53
CA ASP B 355 -2.29 -19.98 -41.10
C ASP B 355 -1.12 -19.67 -40.18
N LEU B 356 -1.40 -19.18 -38.95
CA LEU B 356 -0.31 -18.85 -38.02
C LEU B 356 0.58 -20.05 -37.73
N MET B 357 -0.03 -21.22 -37.48
CA MET B 357 0.67 -22.44 -37.11
C MET B 357 1.94 -22.74 -37.89
N ASN B 358 1.83 -22.77 -39.13
CA ASN B 358 2.20 -22.91 -40.48
C ASN B 358 2.98 -21.75 -41.06
N ASP B 359 3.05 -20.62 -40.40
CA ASP B 359 3.89 -19.46 -40.74
C ASP B 359 5.21 -19.78 -40.02
N SER B 360 6.24 -20.27 -40.64
CA SER B 360 7.53 -20.61 -40.10
C SER B 360 8.24 -19.49 -39.40
N ALA B 361 8.12 -18.24 -39.74
CA ALA B 361 8.76 -17.14 -39.04
C ALA B 361 8.10 -16.88 -37.69
N SER B 362 6.87 -17.25 -37.41
CA SER B 362 6.28 -17.00 -36.11
C SER B 362 6.57 -18.13 -35.14
N PHE B 363 7.14 -19.24 -35.57
CA PHE B 363 7.35 -20.38 -34.68
C PHE B 363 8.60 -21.16 -34.98
N ALA B 364 8.57 -22.04 -35.99
CA ALA B 364 9.73 -22.86 -36.38
C ALA B 364 10.98 -22.03 -36.58
N GLY B 365 10.93 -20.95 -37.35
CA GLY B 365 12.01 -20.06 -37.61
C GLY B 365 12.14 -18.88 -36.70
N PHE B 366 11.45 -18.80 -35.57
CA PHE B 366 11.52 -17.67 -34.64
C PHE B 366 12.76 -17.65 -33.80
N ASP B 367 13.37 -16.50 -33.68
CA ASP B 367 14.55 -16.40 -32.83
C ASP B 367 14.10 -15.88 -31.47
N ALA B 368 13.78 -16.83 -30.61
CA ALA B 368 13.26 -16.57 -29.24
C ALA B 368 14.30 -15.89 -28.40
N GLU B 369 15.56 -16.24 -28.52
CA GLU B 369 16.69 -15.66 -27.81
C GLU B 369 16.91 -14.25 -28.32
N ALA B 370 16.72 -13.96 -29.60
CA ALA B 370 16.90 -12.58 -30.06
C ALA B 370 15.79 -11.70 -29.42
N ALA B 371 14.55 -12.14 -29.59
CA ALA B 371 13.32 -11.52 -29.09
C ALA B 371 13.40 -11.21 -27.62
N ALA B 372 13.93 -12.05 -26.74
CA ALA B 372 14.14 -11.86 -25.32
C ALA B 372 15.10 -10.77 -24.89
N GLU B 373 15.85 -10.18 -25.81
CA GLU B 373 16.85 -9.12 -25.50
C GLU B 373 16.17 -7.79 -25.40
N ARG B 374 14.98 -7.62 -25.91
CA ARG B 374 14.29 -6.35 -25.85
C ARG B 374 14.30 -5.72 -24.49
N ASN B 375 14.67 -4.48 -24.38
CA ASN B 375 14.62 -3.79 -23.07
C ASN B 375 13.20 -3.22 -23.07
N PHE B 376 12.21 -3.69 -22.29
CA PHE B 376 10.86 -3.09 -22.29
C PHE B 376 10.85 -1.73 -21.63
N ALA B 377 11.81 -1.42 -20.77
CA ALA B 377 12.06 -0.16 -20.10
C ALA B 377 10.90 0.32 -19.25
N PHE B 378 10.29 -0.57 -18.52
CA PHE B 378 9.12 -0.38 -17.65
C PHE B 378 9.49 0.42 -16.45
N ILE B 379 10.71 0.26 -15.95
CA ILE B 379 11.24 0.97 -14.78
C ILE B 379 11.27 2.46 -15.12
N ARG B 380 11.88 2.80 -16.26
CA ARG B 380 11.97 4.20 -16.69
C ARG B 380 10.59 4.79 -16.84
N LEU B 381 9.65 4.15 -17.47
CA LEU B 381 8.26 4.53 -17.67
C LEU B 381 7.64 4.79 -16.30
N ASN B 382 7.84 3.94 -15.29
CA ASN B 382 7.29 4.16 -13.97
C ASN B 382 7.94 5.37 -13.31
N GLN B 383 9.22 5.60 -13.45
CA GLN B 383 9.94 6.75 -12.88
C GLN B 383 9.35 8.04 -13.46
N LEU B 384 8.99 8.09 -14.76
CA LEU B 384 8.35 9.22 -15.40
C LEU B 384 6.99 9.49 -14.76
N ALA B 385 6.18 8.46 -14.49
CA ALA B 385 4.85 8.69 -13.90
C ALA B 385 4.98 9.31 -12.53
N ILE B 386 5.84 8.81 -11.66
CA ILE B 386 6.01 9.33 -10.32
C ILE B 386 6.59 10.75 -10.30
N GLU B 387 7.48 11.07 -11.25
CA GLU B 387 8.04 12.45 -11.30
C GLU B 387 6.90 13.36 -11.69
N HIS B 388 5.95 12.99 -12.54
CA HIS B 388 4.78 13.77 -12.88
C HIS B 388 3.88 13.83 -11.65
N LEU B 389 3.71 12.74 -10.90
CA LEU B 389 2.90 12.70 -9.68
C LEU B 389 3.42 13.63 -8.59
N LEU B 390 4.74 13.68 -8.40
CA LEU B 390 5.45 14.50 -7.46
C LEU B 390 5.60 15.95 -7.87
N GLY B 391 5.12 16.36 -9.00
CA GLY B 391 5.09 17.62 -9.64
C GLY B 391 6.51 18.08 -9.94
N SER B 392 7.42 17.24 -10.33
CA SER B 392 8.78 17.70 -10.61
C SER B 392 8.91 17.80 -12.14
N ARG B 393 8.14 17.04 -12.88
CA ARG B 393 8.26 17.17 -14.34
C ARG B 393 7.41 18.36 -14.76
C1 SOR C . 16.79 -10.65 0.90
C2 SOR C . 17.69 -9.82 1.81
C3 SOR C . 19.16 -9.78 1.34
C4 SOR C . 19.83 -9.26 2.69
C5 SOR C . 21.31 -9.50 2.55
C6 SOR C . 22.04 -8.89 3.71
O1 SOR C . 15.44 -10.62 1.36
O2 SOR C . 17.01 -8.53 1.88
O3 SOR C . 19.43 -8.89 0.12
O4 SOR C . 19.67 -7.82 2.83
O5 SOR C . 21.44 -10.89 2.63
O6 SOR C . 22.59 -7.62 3.44
MG MG D . 17.86 -6.54 2.63
C1 SOR E . -19.66 -0.03 3.22
C2 SOR E . -20.21 0.10 1.80
C3 SOR E . -21.44 0.96 1.84
C4 SOR E . -22.06 0.73 0.46
C5 SOR E . -23.39 1.50 0.53
C6 SOR E . -24.02 1.27 -0.86
O1 SOR E . -18.62 -1.00 3.26
O2 SOR E . -19.07 0.55 1.03
O3 SOR E . -21.22 2.40 2.36
O4 SOR E . -21.31 1.56 -0.50
O5 SOR E . -24.18 0.73 1.32
O6 SOR E . -24.03 2.53 -1.42
MG MG F . -19.18 1.88 -0.78
#